data_5A0G
#
_entry.id   5A0G
#
_cell.length_a   70.820
_cell.length_b   74.360
_cell.length_c   82.810
_cell.angle_alpha   107.32
_cell.angle_beta   104.32
_cell.angle_gamma   98.63
#
_symmetry.space_group_name_H-M   'P 1'
#
loop_
_entity.id
_entity.type
_entity.pdbx_description
1 polymer 'SURFACE ANCHORED PROTEIN'
2 water water
#
_entity_poly.entity_id   1
_entity_poly.type   'polypeptide(L)'
_entity_poly.pdbx_seq_one_letter_code
;GPSPTGGLQTSTKYKGYTLLDKYPKEDDFRDAIYIEDMDNNDTSSVVYCFNVTKATPTFKGSVVKVLYNEQFGSSKLFTE
KAIKPRVKGDELKNSVLRVIYNGYPSNALGIKEKYQLTEGQFRKLTQRAVWNFTDSNLSLDKLSQKEIDALNELINAKNA
IPDNLVLNLYLPDDSYYQNLLGTKFVTP
;
_entity_poly.pdbx_strand_id   A,B,C,D,E,F
#
# COMPACT_ATOMS: atom_id res chain seq x y z
N THR A 12 3.15 -30.18 -24.97
CA THR A 12 2.23 -30.67 -23.87
C THR A 12 0.84 -31.02 -24.41
N LYS A 13 0.46 -32.30 -24.28
CA LYS A 13 -0.86 -32.76 -24.66
C LYS A 13 -1.78 -32.67 -23.43
N TYR A 14 -3.06 -32.57 -23.70
CA TYR A 14 -4.07 -32.49 -22.65
C TYR A 14 -5.08 -33.57 -22.91
N LYS A 15 -5.72 -34.08 -21.86
CA LYS A 15 -6.81 -35.00 -22.06
C LYS A 15 -8.05 -34.32 -21.58
N GLY A 16 -9.12 -34.52 -22.35
CA GLY A 16 -10.42 -33.97 -22.01
C GLY A 16 -11.31 -35.12 -21.61
N TYR A 17 -12.13 -34.92 -20.60
CA TYR A 17 -13.03 -35.99 -20.17
C TYR A 17 -14.23 -35.48 -19.37
N THR A 18 -15.25 -36.29 -19.21
CA THR A 18 -16.39 -35.90 -18.45
C THR A 18 -16.43 -36.62 -17.13
N LEU A 19 -17.09 -36.02 -16.15
CA LEU A 19 -17.45 -36.69 -14.93
C LEU A 19 -18.96 -36.76 -14.84
N LEU A 20 -19.51 -37.85 -15.36
CA LEU A 20 -20.95 -38.06 -15.55
C LEU A 20 -21.77 -38.17 -14.28
N ASP A 21 -21.12 -38.51 -13.17
CA ASP A 21 -21.79 -38.76 -11.92
C ASP A 21 -21.50 -37.66 -10.93
N LYS A 22 -20.87 -36.58 -11.36
CA LYS A 22 -20.40 -35.58 -10.39
C LYS A 22 -21.56 -34.85 -9.71
N TYR A 23 -22.56 -34.48 -10.49
CA TYR A 23 -23.63 -33.67 -9.99
C TYR A 23 -24.82 -34.54 -9.76
N PRO A 24 -25.61 -34.23 -8.73
CA PRO A 24 -26.81 -35.02 -8.52
C PRO A 24 -27.81 -34.93 -9.68
N LYS A 25 -28.57 -36.00 -9.81
CA LYS A 25 -29.68 -36.12 -10.76
C LYS A 25 -30.49 -34.83 -10.90
N GLU A 26 -30.77 -34.16 -9.77
CA GLU A 26 -31.67 -32.99 -9.75
C GLU A 26 -31.07 -31.79 -10.49
N ASP A 27 -29.77 -31.77 -10.69
CA ASP A 27 -29.11 -30.73 -11.48
C ASP A 27 -29.28 -30.95 -12.98
N ASP A 28 -29.62 -32.15 -13.37
CA ASP A 28 -29.85 -32.48 -14.78
C ASP A 28 -28.62 -32.11 -15.63
N PHE A 29 -27.44 -32.55 -15.16
CA PHE A 29 -26.22 -32.13 -15.75
C PHE A 29 -25.14 -33.14 -15.56
N ARG A 30 -25.04 -34.02 -16.53
CA ARG A 30 -23.99 -35.00 -16.57
C ARG A 30 -22.70 -34.53 -17.23
N ASP A 31 -22.80 -33.70 -18.24
CA ASP A 31 -21.64 -33.35 -19.06
C ASP A 31 -20.77 -32.22 -18.48
N ALA A 32 -20.14 -32.53 -17.36
CA ALA A 32 -19.21 -31.66 -16.68
C ALA A 32 -17.87 -32.06 -17.25
N ILE A 33 -17.29 -31.16 -18.03
CA ILE A 33 -16.08 -31.46 -18.76
C ILE A 33 -14.86 -30.88 -18.10
N TYR A 34 -13.76 -31.62 -18.08
CA TYR A 34 -12.52 -31.17 -17.52
C TYR A 34 -11.43 -31.40 -18.51
N ILE A 35 -10.36 -30.62 -18.34
CA ILE A 35 -9.14 -30.79 -19.12
C ILE A 35 -8.00 -31.03 -18.12
N GLU A 36 -7.06 -31.87 -18.47
CA GLU A 36 -5.98 -32.20 -17.56
C GLU A 36 -4.78 -32.43 -18.43
N ASP A 37 -3.65 -31.85 -18.04
CA ASP A 37 -2.43 -32.05 -18.80
C ASP A 37 -1.88 -33.46 -18.63
N MET A 38 -1.22 -33.97 -19.66
CA MET A 38 -0.69 -35.32 -19.67
C MET A 38 0.65 -35.45 -18.95
N ASP A 39 1.29 -34.35 -18.59
CA ASP A 39 2.61 -34.42 -17.92
C ASP A 39 2.65 -34.31 -16.39
N ASN A 40 1.51 -34.41 -15.75
CA ASN A 40 1.33 -34.10 -14.35
C ASN A 40 1.77 -32.68 -13.89
N ASN A 41 1.91 -32.42 -12.60
CA ASN A 41 1.91 -31.03 -12.09
C ASN A 41 1.33 -30.14 -13.18
N ASP A 42 0.03 -30.09 -13.43
CA ASP A 42 -1.07 -29.48 -12.67
C ASP A 42 -2.31 -30.32 -12.57
N THR A 43 -3.29 -29.78 -11.87
CA THR A 43 -4.56 -30.39 -11.65
C THR A 43 -5.55 -30.06 -12.78
N SER A 44 -6.70 -30.72 -12.76
CA SER A 44 -7.77 -30.55 -13.73
C SER A 44 -8.44 -29.20 -13.66
N SER A 45 -8.97 -28.76 -14.78
CA SER A 45 -9.65 -27.51 -14.83
C SER A 45 -10.98 -27.63 -15.60
N VAL A 46 -11.99 -26.91 -15.09
CA VAL A 46 -13.28 -26.84 -15.72
C VAL A 46 -13.12 -26.28 -17.13
N VAL A 47 -13.78 -26.90 -18.10
CA VAL A 47 -13.91 -26.37 -19.41
C VAL A 47 -15.33 -26.56 -19.93
N TYR A 48 -15.65 -25.84 -21.01
CA TYR A 48 -16.96 -25.90 -21.63
C TYR A 48 -16.84 -26.28 -23.11
N CYS A 49 -17.88 -26.91 -23.61
CA CYS A 49 -17.96 -27.35 -24.95
C CYS A 49 -18.22 -26.15 -25.77
N PHE A 50 -17.44 -26.01 -26.81
CA PHE A 50 -17.54 -24.91 -27.73
C PHE A 50 -18.40 -25.23 -28.99
N ASN A 51 -18.75 -26.51 -29.21
CA ASN A 51 -19.46 -26.96 -30.38
C ASN A 51 -20.57 -27.93 -30.00
N VAL A 52 -21.78 -27.43 -29.89
CA VAL A 52 -22.94 -28.26 -29.53
C VAL A 52 -23.21 -29.45 -30.52
N THR A 53 -22.83 -29.33 -31.78
CA THR A 53 -23.09 -30.43 -32.74
C THR A 53 -21.98 -31.46 -32.79
N LYS A 54 -20.92 -31.32 -32.00
CA LYS A 54 -19.86 -32.30 -31.95
C LYS A 54 -19.90 -33.13 -30.63
N ALA A 55 -19.14 -34.21 -30.56
CA ALA A 55 -19.21 -35.17 -29.47
C ALA A 55 -18.41 -34.74 -28.27
N THR A 56 -18.96 -34.96 -27.09
CA THR A 56 -18.24 -34.61 -25.88
C THR A 56 -17.15 -35.63 -25.74
N PRO A 57 -16.09 -35.30 -25.02
CA PRO A 57 -15.10 -36.30 -24.68
C PRO A 57 -15.67 -37.38 -23.83
N THR A 58 -14.96 -38.51 -23.78
CA THR A 58 -15.41 -39.67 -23.02
C THR A 58 -15.30 -39.44 -21.54
N PHE A 59 -15.86 -40.35 -20.78
CA PHE A 59 -15.81 -40.29 -19.33
C PHE A 59 -14.41 -40.58 -18.81
N LYS A 60 -14.13 -40.12 -17.60
CA LYS A 60 -12.79 -40.18 -17.03
C LYS A 60 -12.28 -41.56 -16.97
N GLY A 61 -13.10 -42.49 -16.52
CA GLY A 61 -12.69 -43.92 -16.53
C GLY A 61 -12.68 -44.69 -17.86
N SER A 62 -13.05 -44.05 -18.95
CA SER A 62 -13.18 -44.69 -20.25
C SER A 62 -11.85 -45.28 -20.71
N VAL A 63 -11.91 -46.33 -21.51
CA VAL A 63 -10.71 -46.87 -22.15
C VAL A 63 -10.22 -45.98 -23.30
N VAL A 64 -11.10 -45.17 -23.87
CA VAL A 64 -10.73 -44.21 -24.90
C VAL A 64 -10.36 -42.90 -24.20
N LYS A 65 -9.16 -42.37 -24.44
CA LYS A 65 -8.75 -41.07 -23.87
C LYS A 65 -8.72 -40.09 -25.01
N VAL A 66 -9.45 -39.00 -24.90
CA VAL A 66 -9.50 -38.04 -25.99
C VAL A 66 -8.48 -36.93 -25.77
N LEU A 67 -7.55 -36.78 -26.71
CA LEU A 67 -6.42 -35.85 -26.58
C LEU A 67 -6.55 -34.49 -27.30
N TYR A 68 -5.97 -33.45 -26.69
CA TYR A 68 -6.23 -32.08 -27.08
C TYR A 68 -4.91 -31.31 -27.09
N ASN A 69 -4.84 -30.27 -27.93
CA ASN A 69 -3.76 -29.29 -27.92
C ASN A 69 -4.28 -27.98 -27.45
N GLU A 70 -3.47 -27.25 -26.69
CA GLU A 70 -3.82 -25.96 -26.13
C GLU A 70 -3.39 -24.83 -27.06
N GLN A 71 -4.21 -23.80 -27.16
CA GLN A 71 -3.93 -22.61 -27.97
C GLN A 71 -4.53 -21.40 -27.30
N PHE A 72 -3.84 -20.28 -27.37
CA PHE A 72 -4.41 -19.00 -26.99
C PHE A 72 -5.58 -18.68 -27.90
N GLY A 73 -6.72 -18.42 -27.26
CA GLY A 73 -7.93 -18.03 -27.96
C GLY A 73 -7.85 -16.58 -28.40
N SER A 74 -7.96 -16.36 -29.71
CA SER A 74 -8.06 -15.03 -30.29
C SER A 74 -9.42 -14.88 -30.99
N SER A 75 -9.72 -13.68 -31.45
CA SER A 75 -10.84 -13.48 -32.34
C SER A 75 -10.79 -14.38 -33.58
N LYS A 76 -9.67 -14.37 -34.33
CA LYS A 76 -9.51 -15.19 -35.53
C LYS A 76 -9.92 -16.63 -35.15
N LEU A 77 -9.35 -17.14 -34.07
CA LEU A 77 -9.51 -18.53 -33.73
C LEU A 77 -10.91 -18.88 -33.22
N PHE A 78 -11.51 -18.10 -32.30
CA PHE A 78 -12.88 -18.38 -31.86
C PHE A 78 -13.85 -18.40 -33.03
N THR A 79 -13.67 -17.49 -33.97
CA THR A 79 -14.52 -17.45 -35.18
C THR A 79 -14.32 -18.65 -36.13
N GLU A 80 -13.08 -19.07 -36.32
CA GLU A 80 -12.79 -20.25 -37.17
C GLU A 80 -13.41 -21.53 -36.57
N LYS A 81 -13.44 -21.66 -35.24
CA LYS A 81 -13.89 -22.89 -34.59
C LYS A 81 -15.34 -22.93 -34.22
N ALA A 82 -16.00 -21.79 -34.11
CA ALA A 82 -17.45 -21.77 -33.90
C ALA A 82 -18.14 -22.17 -35.21
N ILE A 83 -19.25 -22.90 -35.09
CA ILE A 83 -19.87 -23.53 -36.26
C ILE A 83 -21.05 -22.71 -36.79
N LYS A 84 -21.91 -22.19 -35.90
CA LYS A 84 -23.00 -21.25 -36.31
C LYS A 84 -22.99 -20.02 -35.38
N PRO A 85 -21.88 -19.26 -35.37
CA PRO A 85 -21.69 -18.20 -34.40
C PRO A 85 -22.70 -17.08 -34.62
N ARG A 86 -23.31 -16.62 -33.53
CA ARG A 86 -24.34 -15.62 -33.58
C ARG A 86 -23.75 -14.27 -34.01
N VAL A 87 -22.51 -14.00 -33.60
CA VAL A 87 -21.79 -12.80 -33.98
C VAL A 87 -20.33 -13.21 -34.26
N LYS A 88 -19.54 -12.35 -34.92
CA LYS A 88 -18.17 -12.75 -35.32
C LYS A 88 -17.11 -11.81 -34.73
N GLY A 89 -15.85 -12.17 -34.91
CA GLY A 89 -14.71 -11.32 -34.54
C GLY A 89 -14.66 -10.95 -33.08
N ASP A 90 -14.31 -9.70 -32.81
CA ASP A 90 -14.21 -9.18 -31.44
C ASP A 90 -15.53 -9.28 -30.65
N GLU A 91 -16.66 -9.05 -31.29
CA GLU A 91 -17.96 -9.11 -30.60
C GLU A 91 -18.14 -10.53 -30.05
N LEU A 92 -17.69 -11.54 -30.79
CA LEU A 92 -17.75 -12.93 -30.29
C LEU A 92 -16.79 -13.17 -29.13
N LYS A 93 -15.52 -12.81 -29.32
CA LYS A 93 -14.53 -12.98 -28.27
C LYS A 93 -15.04 -12.35 -27.01
N ASN A 94 -15.54 -11.13 -27.11
CA ASN A 94 -16.01 -10.44 -25.91
C ASN A 94 -17.22 -11.08 -25.28
N SER A 95 -18.18 -11.51 -26.07
CA SER A 95 -19.37 -12.14 -25.55
C SER A 95 -19.00 -13.39 -24.75
N VAL A 96 -18.10 -14.17 -25.29
CA VAL A 96 -17.68 -15.40 -24.65
C VAL A 96 -16.79 -15.17 -23.42
N LEU A 97 -15.80 -14.28 -23.51
CA LEU A 97 -15.03 -13.93 -22.34
C LEU A 97 -15.97 -13.46 -21.21
N ARG A 98 -17.00 -12.73 -21.56
CA ARG A 98 -17.90 -12.19 -20.54
C ARG A 98 -18.72 -13.28 -19.91
N VAL A 99 -19.17 -14.22 -20.71
CA VAL A 99 -19.90 -15.39 -20.17
C VAL A 99 -19.06 -16.17 -19.19
N ILE A 100 -17.80 -16.43 -19.51
CA ILE A 100 -16.96 -17.14 -18.58
C ILE A 100 -16.73 -16.31 -17.31
N TYR A 101 -16.62 -14.98 -17.45
CA TYR A 101 -16.30 -14.11 -16.33
C TYR A 101 -17.48 -14.02 -15.37
N ASN A 102 -18.69 -14.02 -15.94
CA ASN A 102 -19.92 -13.96 -15.16
C ASN A 102 -20.46 -15.31 -14.76
N GLY A 103 -19.99 -16.36 -15.41
CA GLY A 103 -20.50 -17.69 -15.21
C GLY A 103 -19.69 -18.51 -14.24
N TYR A 104 -19.90 -19.82 -14.26
CA TYR A 104 -19.23 -20.69 -13.30
C TYR A 104 -17.79 -21.00 -13.76
N PRO A 105 -16.77 -20.88 -12.90
CA PRO A 105 -16.89 -20.60 -11.44
C PRO A 105 -16.64 -19.14 -11.03
N SER A 106 -16.20 -18.32 -11.98
CA SER A 106 -15.84 -16.93 -11.74
C SER A 106 -16.92 -16.09 -11.02
N ASN A 107 -18.15 -16.13 -11.52
CA ASN A 107 -19.28 -15.52 -10.85
C ASN A 107 -19.19 -14.02 -10.57
N ALA A 108 -18.65 -13.23 -11.49
CA ALA A 108 -18.43 -11.81 -11.27
C ALA A 108 -19.65 -11.02 -10.86
N LEU A 109 -20.83 -11.36 -11.34
CA LEU A 109 -22.08 -10.61 -11.02
C LEU A 109 -22.88 -11.12 -9.81
N GLY A 110 -22.45 -12.22 -9.18
CA GLY A 110 -23.24 -12.88 -8.12
C GLY A 110 -24.54 -13.53 -8.59
N ILE A 111 -24.60 -13.95 -9.84
CA ILE A 111 -25.80 -14.56 -10.40
C ILE A 111 -26.16 -15.83 -9.67
N LYS A 112 -25.17 -16.62 -9.30
CA LYS A 112 -25.43 -17.86 -8.60
C LYS A 112 -26.28 -17.58 -7.33
N GLU A 113 -25.85 -16.65 -6.50
CA GLU A 113 -26.53 -16.37 -5.22
C GLU A 113 -27.85 -15.61 -5.44
N LYS A 114 -27.90 -14.74 -6.45
CA LYS A 114 -29.13 -14.05 -6.80
C LYS A 114 -30.32 -15.00 -7.13
N TYR A 115 -30.07 -16.09 -7.85
CA TYR A 115 -31.12 -17.05 -8.17
C TYR A 115 -31.01 -18.36 -7.39
N GLN A 116 -30.17 -18.39 -6.37
CA GLN A 116 -30.00 -19.59 -5.49
C GLN A 116 -29.76 -20.89 -6.23
N LEU A 117 -28.81 -20.85 -7.14
CA LEU A 117 -28.49 -21.98 -7.99
C LEU A 117 -27.53 -22.85 -7.25
N THR A 118 -27.62 -24.15 -7.51
CA THR A 118 -26.57 -25.05 -7.10
C THR A 118 -25.39 -24.87 -8.05
N GLU A 119 -24.24 -25.35 -7.64
CA GLU A 119 -23.04 -25.33 -8.49
C GLU A 119 -23.33 -25.97 -9.86
N GLY A 120 -23.94 -27.14 -9.84
CA GLY A 120 -24.26 -27.83 -11.06
C GLY A 120 -25.21 -27.08 -11.97
N GLN A 121 -26.23 -26.45 -11.42
CA GLN A 121 -27.14 -25.72 -12.30
C GLN A 121 -26.39 -24.56 -12.94
N PHE A 122 -25.59 -23.90 -12.15
CA PHE A 122 -24.90 -22.72 -12.62
C PHE A 122 -23.94 -23.07 -13.75
N ARG A 123 -23.29 -24.20 -13.62
CA ARG A 123 -22.37 -24.64 -14.63
C ARG A 123 -23.14 -25.01 -15.88
N LYS A 124 -24.29 -25.65 -15.72
CA LYS A 124 -25.12 -26.02 -16.87
C LYS A 124 -25.52 -24.79 -17.65
N LEU A 125 -25.92 -23.76 -16.92
CA LEU A 125 -26.38 -22.54 -17.57
C LEU A 125 -25.25 -21.85 -18.29
N THR A 126 -24.09 -21.85 -17.69
CA THR A 126 -22.93 -21.28 -18.34
C THR A 126 -22.65 -22.01 -19.63
N GLN A 127 -22.75 -23.33 -19.62
CA GLN A 127 -22.55 -24.08 -20.85
C GLN A 127 -23.54 -23.65 -21.88
N ARG A 128 -24.77 -23.38 -21.47
CA ARG A 128 -25.79 -23.05 -22.46
C ARG A 128 -25.60 -21.66 -23.02
N ALA A 129 -25.04 -20.79 -22.21
CA ALA A 129 -24.83 -19.45 -22.63
C ALA A 129 -23.73 -19.43 -23.66
N VAL A 130 -22.71 -20.25 -23.45
CA VAL A 130 -21.63 -20.34 -24.44
C VAL A 130 -22.23 -20.74 -25.79
N TRP A 131 -23.12 -21.72 -25.78
CA TRP A 131 -23.72 -22.24 -27.01
C TRP A 131 -24.61 -21.22 -27.68
N ASN A 132 -25.18 -20.34 -26.89
CA ASN A 132 -25.96 -19.29 -27.45
C ASN A 132 -25.13 -18.45 -28.46
N PHE A 133 -23.84 -18.30 -28.21
CA PHE A 133 -23.00 -17.47 -29.03
C PHE A 133 -22.24 -18.26 -30.10
N THR A 134 -21.86 -19.48 -29.77
CA THR A 134 -21.04 -20.27 -30.68
C THR A 134 -21.85 -21.02 -31.68
N ASP A 135 -23.09 -21.34 -31.34
CA ASP A 135 -23.96 -22.10 -32.24
C ASP A 135 -25.32 -21.48 -32.50
N SER A 136 -25.50 -20.24 -32.09
CA SER A 136 -26.82 -19.60 -32.16
C SER A 136 -27.93 -20.53 -31.63
N ASN A 137 -27.72 -21.14 -30.47
CA ASN A 137 -28.61 -22.16 -29.98
C ASN A 137 -28.86 -21.93 -28.49
N LEU A 138 -30.03 -21.41 -28.17
CA LEU A 138 -30.39 -21.16 -26.81
C LEU A 138 -31.46 -22.16 -26.41
N SER A 139 -31.07 -23.16 -25.64
CA SER A 139 -32.01 -24.20 -25.22
C SER A 139 -32.57 -23.88 -23.84
N LEU A 140 -33.87 -23.68 -23.76
CA LEU A 140 -34.57 -23.53 -22.48
C LEU A 140 -35.13 -24.85 -21.98
N ASP A 141 -34.74 -25.95 -22.62
CA ASP A 141 -35.27 -27.25 -22.29
C ASP A 141 -34.95 -27.69 -20.85
N LYS A 142 -35.98 -28.08 -20.13
CA LYS A 142 -35.89 -28.64 -18.80
C LYS A 142 -35.45 -27.67 -17.75
N LEU A 143 -35.58 -26.39 -18.01
CA LEU A 143 -35.21 -25.39 -17.01
C LEU A 143 -36.44 -24.89 -16.26
N SER A 144 -36.28 -24.68 -14.96
CA SER A 144 -37.28 -23.99 -14.16
C SER A 144 -37.21 -22.50 -14.47
N GLN A 145 -38.17 -21.74 -13.99
CA GLN A 145 -38.18 -20.30 -14.25
C GLN A 145 -36.93 -19.57 -13.70
N LYS A 146 -36.49 -19.89 -12.49
CA LYS A 146 -35.35 -19.21 -11.95
C LYS A 146 -34.11 -19.54 -12.76
N GLU A 147 -34.00 -20.76 -13.25
CA GLU A 147 -32.90 -21.10 -14.16
C GLU A 147 -33.00 -20.30 -15.44
N ILE A 148 -34.18 -20.18 -16.02
CA ILE A 148 -34.36 -19.36 -17.23
C ILE A 148 -33.97 -17.90 -17.01
N ASP A 149 -34.32 -17.34 -15.85
CA ASP A 149 -34.00 -15.94 -15.55
C ASP A 149 -32.51 -15.72 -15.39
N ALA A 150 -31.84 -16.64 -14.73
CA ALA A 150 -30.42 -16.58 -14.59
C ALA A 150 -29.70 -16.68 -15.95
N LEU A 151 -30.20 -17.56 -16.80
CA LEU A 151 -29.64 -17.75 -18.10
C LEU A 151 -29.83 -16.53 -18.97
N ASN A 152 -30.97 -15.84 -18.81
CA ASN A 152 -31.15 -14.61 -19.55
C ASN A 152 -30.24 -13.50 -19.03
N GLU A 153 -30.07 -13.42 -17.72
CA GLU A 153 -29.16 -12.43 -17.16
C GLU A 153 -27.73 -12.67 -17.68
N LEU A 154 -27.36 -13.92 -17.87
CA LEU A 154 -26.02 -14.27 -18.31
C LEU A 154 -25.76 -13.87 -19.74
N ILE A 155 -26.68 -14.16 -20.66
CA ILE A 155 -26.45 -13.87 -22.08
C ILE A 155 -26.67 -12.40 -22.43
N ASN A 156 -27.42 -11.67 -21.61
CA ASN A 156 -27.74 -10.26 -21.85
C ASN A 156 -26.86 -9.28 -21.11
N ALA A 157 -26.06 -9.76 -20.17
CA ALA A 157 -25.20 -8.89 -19.38
C ALA A 157 -24.28 -8.14 -20.32
N LYS A 158 -24.17 -6.84 -20.10
CA LYS A 158 -23.24 -6.02 -20.85
C LYS A 158 -22.29 -5.30 -19.81
N ASN A 159 -21.93 -5.98 -18.72
CA ASN A 159 -20.99 -5.42 -17.71
C ASN A 159 -19.57 -5.30 -18.22
N ALA A 160 -18.83 -4.35 -17.64
CA ALA A 160 -17.42 -4.12 -17.94
C ALA A 160 -16.53 -5.28 -17.43
N ILE A 161 -15.64 -5.75 -18.29
CA ILE A 161 -14.71 -6.82 -17.98
C ILE A 161 -13.33 -6.25 -18.05
N PRO A 162 -12.40 -6.82 -17.27
CA PRO A 162 -11.04 -6.36 -17.43
C PRO A 162 -10.51 -6.49 -18.87
N ASP A 163 -9.62 -5.57 -19.22
CA ASP A 163 -9.08 -5.54 -20.57
C ASP A 163 -8.10 -6.69 -20.82
N ASN A 164 -7.43 -7.17 -19.77
CA ASN A 164 -6.37 -8.15 -19.93
C ASN A 164 -6.76 -9.59 -20.42
N LEU A 165 -8.04 -9.94 -20.35
CA LEU A 165 -8.47 -11.34 -20.31
C LEU A 165 -8.22 -12.19 -21.55
N VAL A 166 -7.63 -13.36 -21.34
CA VAL A 166 -7.45 -14.32 -22.40
C VAL A 166 -7.79 -15.71 -21.87
N LEU A 167 -8.45 -16.52 -22.70
CA LEU A 167 -8.73 -17.91 -22.38
C LEU A 167 -8.09 -18.85 -23.40
N ASN A 168 -7.82 -20.08 -23.00
CA ASN A 168 -7.29 -21.07 -23.94
C ASN A 168 -8.39 -21.85 -24.57
N LEU A 169 -8.16 -22.27 -25.81
CA LEU A 169 -9.05 -23.13 -26.51
C LEU A 169 -8.29 -24.42 -26.68
N TYR A 170 -8.91 -25.56 -26.37
CA TYR A 170 -8.30 -26.87 -26.57
C TYR A 170 -8.89 -27.52 -27.80
N LEU A 171 -8.00 -27.90 -28.70
CA LEU A 171 -8.37 -28.43 -30.03
C LEU A 171 -8.02 -29.88 -30.10
N PRO A 172 -8.97 -30.72 -30.50
CA PRO A 172 -8.73 -32.15 -30.38
C PRO A 172 -7.96 -32.70 -31.56
N ASP A 173 -7.19 -33.74 -31.32
CA ASP A 173 -6.57 -34.50 -32.39
C ASP A 173 -7.58 -34.97 -33.45
N ASP A 174 -8.73 -35.47 -33.01
CA ASP A 174 -9.78 -35.96 -33.89
C ASP A 174 -10.99 -35.01 -33.87
N SER A 175 -11.36 -34.49 -35.03
CA SER A 175 -12.37 -33.43 -35.10
C SER A 175 -13.83 -33.93 -34.94
N TYR A 176 -14.01 -35.23 -34.75
CA TYR A 176 -15.27 -35.73 -34.26
C TYR A 176 -15.66 -35.12 -32.92
N TYR A 177 -14.66 -34.78 -32.08
CA TYR A 177 -14.91 -34.25 -30.75
C TYR A 177 -14.97 -32.74 -30.73
N GLN A 178 -15.65 -32.20 -29.73
CA GLN A 178 -15.81 -30.78 -29.56
C GLN A 178 -14.45 -30.16 -29.31
N ASN A 179 -14.31 -28.91 -29.74
CA ASN A 179 -13.35 -28.01 -29.14
C ASN A 179 -13.80 -27.60 -27.76
N LEU A 180 -12.86 -27.35 -26.86
CA LEU A 180 -13.16 -27.06 -25.47
C LEU A 180 -12.63 -25.71 -25.12
N LEU A 181 -13.39 -24.95 -24.34
CA LEU A 181 -13.02 -23.59 -23.95
C LEU A 181 -12.63 -23.56 -22.50
N GLY A 182 -11.45 -23.05 -22.20
CA GLY A 182 -10.94 -23.04 -20.80
C GLY A 182 -11.64 -22.04 -19.93
N THR A 183 -11.45 -22.11 -18.63
CA THR A 183 -12.02 -21.11 -17.70
C THR A 183 -10.99 -20.38 -16.84
N LYS A 184 -9.74 -20.85 -16.80
CA LYS A 184 -8.64 -20.16 -16.13
C LYS A 184 -8.22 -19.06 -17.12
N PHE A 185 -8.33 -17.79 -16.72
CA PHE A 185 -7.75 -16.69 -17.47
C PHE A 185 -6.25 -16.71 -17.27
N VAL A 186 -5.51 -16.47 -18.34
CA VAL A 186 -4.09 -16.55 -18.28
C VAL A 186 -3.56 -15.21 -17.78
N SER B 11 -26.01 16.48 -28.65
CA SER B 11 -26.47 17.89 -28.87
C SER B 11 -25.30 18.88 -28.95
N THR B 12 -24.29 18.65 -28.10
CA THR B 12 -23.18 19.56 -27.95
C THR B 12 -22.16 19.43 -29.10
N LYS B 13 -21.92 20.54 -29.80
CA LYS B 13 -20.96 20.58 -30.88
C LYS B 13 -19.61 21.00 -30.26
N TYR B 14 -18.52 20.60 -30.92
CA TYR B 14 -17.18 20.92 -30.47
C TYR B 14 -16.48 21.62 -31.58
N LYS B 15 -15.54 22.50 -31.27
CA LYS B 15 -14.71 23.06 -32.31
C LYS B 15 -13.31 22.60 -32.11
N GLY B 16 -12.66 22.25 -33.22
CA GLY B 16 -11.28 21.76 -33.20
C GLY B 16 -10.42 22.81 -33.83
N TYR B 17 -9.24 23.06 -33.25
CA TYR B 17 -8.36 24.09 -33.76
C TYR B 17 -6.92 23.91 -33.36
N THR B 18 -6.01 24.56 -34.07
CA THR B 18 -4.62 24.45 -33.74
C THR B 18 -4.13 25.74 -33.08
N LEU B 19 -3.06 25.62 -32.30
CA LEU B 19 -2.32 26.75 -31.82
C LEU B 19 -0.91 26.68 -32.37
N LEU B 20 -0.73 27.30 -33.53
CA LEU B 20 0.48 27.21 -34.34
C LEU B 20 1.71 27.84 -33.72
N ASP B 21 1.54 28.76 -32.79
CA ASP B 21 2.63 29.49 -32.19
C ASP B 21 2.86 29.11 -30.76
N LYS B 22 2.22 28.06 -30.30
CA LYS B 22 2.31 27.71 -28.89
C LYS B 22 3.69 27.25 -28.48
N TYR B 23 4.33 26.43 -29.30
CA TYR B 23 5.61 25.86 -28.92
C TYR B 23 6.69 26.62 -29.63
N PRO B 24 7.84 26.75 -29.00
CA PRO B 24 8.95 27.32 -29.74
C PRO B 24 9.38 26.55 -31.02
N LYS B 25 9.95 27.30 -31.94
CA LYS B 25 10.65 26.79 -33.16
C LYS B 25 11.47 25.49 -32.94
N GLU B 26 12.20 25.42 -31.85
CA GLU B 26 13.11 24.32 -31.58
C GLU B 26 12.37 23.02 -31.33
N ASP B 27 11.09 23.09 -30.97
CA ASP B 27 10.28 21.87 -30.78
C ASP B 27 9.82 21.29 -32.11
N ASP B 28 9.86 22.10 -33.16
CA ASP B 28 9.46 21.66 -34.50
C ASP B 28 8.01 21.09 -34.50
N PHE B 29 7.10 21.83 -33.90
CA PHE B 29 5.80 21.32 -33.64
C PHE B 29 4.77 22.42 -33.56
N ARG B 30 4.21 22.75 -34.72
CA ARG B 30 3.14 23.73 -34.83
C ARG B 30 1.75 23.16 -34.62
N ASP B 31 1.53 21.92 -35.03
CA ASP B 31 0.19 21.34 -35.01
C ASP B 31 -0.24 20.78 -33.67
N ALA B 32 -0.39 21.69 -32.71
CA ALA B 32 -0.90 21.39 -31.37
C ALA B 32 -2.40 21.59 -31.46
N ILE B 33 -3.14 20.49 -31.41
CA ILE B 33 -4.57 20.53 -31.64
C ILE B 33 -5.36 20.48 -30.36
N TYR B 34 -6.46 21.22 -30.32
CA TYR B 34 -7.32 21.29 -29.15
C TYR B 34 -8.72 21.16 -29.61
N ILE B 35 -9.56 20.73 -28.69
CA ILE B 35 -11.00 20.63 -28.87
C ILE B 35 -11.67 21.43 -27.77
N GLU B 36 -12.74 22.10 -28.10
CA GLU B 36 -13.40 22.97 -27.14
C GLU B 36 -14.87 22.88 -27.45
N ASP B 37 -15.70 22.72 -26.41
CA ASP B 37 -17.10 22.66 -26.61
C ASP B 37 -17.68 24.03 -26.96
N MET B 38 -18.74 24.03 -27.76
CA MET B 38 -19.35 25.26 -28.25
C MET B 38 -20.31 25.87 -27.26
N ASP B 39 -20.67 25.16 -26.20
CA ASP B 39 -21.56 25.72 -25.20
C ASP B 39 -20.49 26.34 -24.34
N ASN B 40 -20.60 26.31 -23.04
CA ASN B 40 -19.35 26.27 -22.26
C ASN B 40 -19.70 24.97 -21.45
N ASN B 41 -19.43 24.80 -20.18
CA ASN B 41 -18.48 25.53 -19.50
C ASN B 41 -17.60 24.35 -19.35
N ASP B 42 -16.89 23.95 -20.41
CA ASP B 42 -15.59 23.50 -20.10
C ASP B 42 -14.56 24.19 -20.92
N THR B 43 -13.35 23.98 -20.50
CA THR B 43 -12.16 24.49 -21.12
C THR B 43 -11.67 23.53 -22.22
N SER B 44 -10.67 23.97 -22.97
CA SER B 44 -10.05 23.21 -24.05
C SER B 44 -9.31 21.97 -23.58
N SER B 45 -9.25 20.94 -24.41
CA SER B 45 -8.45 19.74 -24.13
C SER B 45 -7.52 19.47 -25.30
N VAL B 46 -6.37 18.95 -24.95
CA VAL B 46 -5.44 18.41 -25.90
C VAL B 46 -6.05 17.26 -26.60
N VAL B 47 -5.84 17.23 -27.89
CA VAL B 47 -6.29 16.15 -28.70
C VAL B 47 -5.24 15.80 -29.76
N TYR B 48 -5.33 14.64 -30.38
CA TYR B 48 -4.40 14.23 -31.41
C TYR B 48 -5.12 13.85 -32.67
N CYS B 49 -4.43 14.01 -33.76
CA CYS B 49 -4.93 13.69 -35.05
C CYS B 49 -4.92 12.22 -35.16
N PHE B 50 -6.03 11.68 -35.60
CA PHE B 50 -6.18 10.25 -35.84
C PHE B 50 -5.90 9.81 -37.30
N ASN B 51 -5.81 10.77 -38.26
CA ASN B 51 -5.69 10.49 -39.69
C ASN B 51 -4.62 11.37 -40.32
N VAL B 52 -3.42 10.82 -40.47
CA VAL B 52 -2.31 11.57 -41.02
C VAL B 52 -2.56 12.08 -42.47
N THR B 53 -3.39 11.41 -43.25
CA THR B 53 -3.65 11.85 -44.64
C THR B 53 -4.76 12.87 -44.78
N LYS B 54 -5.38 13.30 -43.69
CA LYS B 54 -6.47 14.29 -43.75
C LYS B 54 -6.00 15.63 -43.14
N ALA B 55 -6.78 16.69 -43.33
CA ALA B 55 -6.37 18.03 -42.99
C ALA B 55 -6.56 18.34 -41.53
N THR B 56 -5.60 19.05 -40.93
CA THR B 56 -5.74 19.43 -39.54
C THR B 56 -6.77 20.55 -39.50
N PRO B 57 -7.41 20.76 -38.35
CA PRO B 57 -8.31 21.89 -38.22
C PRO B 57 -7.58 23.17 -38.36
N THR B 58 -8.31 24.24 -38.62
CA THR B 58 -7.73 25.55 -38.78
C THR B 58 -7.22 26.12 -37.46
N PHE B 59 -6.48 27.21 -37.55
CA PHE B 59 -5.95 27.87 -36.36
C PHE B 59 -7.05 28.51 -35.53
N LYS B 60 -6.77 28.74 -34.26
CA LYS B 60 -7.75 29.24 -33.34
C LYS B 60 -8.33 30.54 -33.78
N GLY B 61 -7.50 31.47 -34.23
CA GLY B 61 -8.03 32.75 -34.77
C GLY B 61 -8.68 32.74 -36.16
N SER B 62 -8.70 31.60 -36.83
CA SER B 62 -9.15 31.51 -38.20
C SER B 62 -10.60 31.95 -38.35
N VAL B 63 -10.95 32.47 -39.50
CA VAL B 63 -12.36 32.75 -39.78
C VAL B 63 -13.18 31.47 -40.02
N VAL B 64 -12.53 30.40 -40.42
CA VAL B 64 -13.20 29.10 -40.62
C VAL B 64 -13.12 28.36 -39.31
N LYS B 65 -14.28 27.94 -38.76
CA LYS B 65 -14.32 27.17 -37.53
C LYS B 65 -14.70 25.76 -37.87
N VAL B 66 -13.88 24.79 -37.53
CA VAL B 66 -14.17 23.43 -37.92
C VAL B 66 -14.89 22.77 -36.80
N LEU B 67 -16.08 22.26 -37.09
CA LEU B 67 -16.96 21.63 -36.08
C LEU B 67 -16.99 20.08 -36.02
N TYR B 68 -17.17 19.55 -34.81
CA TYR B 68 -16.96 18.14 -34.52
C TYR B 68 -18.07 17.64 -33.64
N ASN B 69 -18.39 16.36 -33.78
CA ASN B 69 -19.29 15.65 -32.85
C ASN B 69 -18.51 14.65 -32.04
N GLU B 70 -18.88 14.50 -30.78
CA GLU B 70 -18.19 13.63 -29.83
C GLU B 70 -18.85 12.27 -29.84
N GLN B 71 -18.05 11.23 -29.74
CA GLN B 71 -18.53 9.85 -29.67
C GLN B 71 -17.59 9.04 -28.80
N PHE B 72 -18.16 8.10 -28.04
CA PHE B 72 -17.36 7.14 -27.29
C PHE B 72 -16.62 6.29 -28.29
N GLY B 73 -15.30 6.24 -28.11
CA GLY B 73 -14.45 5.41 -28.92
C GLY B 73 -14.58 3.97 -28.50
N SER B 74 -15.00 3.12 -29.43
CA SER B 74 -15.03 1.70 -29.26
C SER B 74 -14.06 1.04 -30.26
N SER B 75 -13.88 -0.28 -30.15
CA SER B 75 -13.14 -1.01 -31.16
C SER B 75 -13.72 -0.83 -32.56
N LYS B 76 -15.03 -1.06 -32.70
CA LYS B 76 -15.73 -0.92 -33.97
C LYS B 76 -15.34 0.45 -34.56
N LEU B 77 -15.50 1.49 -33.76
CA LEU B 77 -15.34 2.82 -34.25
C LEU B 77 -13.88 3.18 -34.58
N PHE B 78 -12.92 2.88 -33.70
CA PHE B 78 -11.52 3.18 -34.03
C PHE B 78 -11.11 2.53 -35.35
N THR B 79 -11.57 1.31 -35.56
CA THR B 79 -11.22 0.57 -36.75
C THR B 79 -11.88 1.17 -37.99
N GLU B 80 -13.15 1.59 -37.88
CA GLU B 80 -13.84 2.20 -39.02
C GLU B 80 -13.14 3.51 -39.44
N LYS B 81 -12.61 4.27 -38.49
CA LYS B 81 -12.06 5.60 -38.77
C LYS B 81 -10.58 5.65 -39.10
N ALA B 82 -9.86 4.62 -38.70
CA ALA B 82 -8.45 4.54 -39.06
C ALA B 82 -8.37 4.16 -40.54
N ILE B 83 -7.38 4.70 -41.23
CA ILE B 83 -7.33 4.57 -42.68
C ILE B 83 -6.37 3.46 -43.15
N LYS B 84 -5.20 3.35 -42.54
CA LYS B 84 -4.29 2.20 -42.78
C LYS B 84 -3.81 1.64 -41.43
N PRO B 85 -4.77 1.17 -40.59
CA PRO B 85 -4.43 0.68 -39.25
C PRO B 85 -3.48 -0.51 -39.25
N ARG B 86 -2.45 -0.45 -38.41
CA ARG B 86 -1.44 -1.48 -38.35
C ARG B 86 -2.03 -2.77 -37.77
N VAL B 87 -2.97 -2.63 -36.86
CA VAL B 87 -3.68 -3.77 -36.25
C VAL B 87 -5.15 -3.36 -36.10
N LYS B 88 -6.04 -4.32 -35.88
CA LYS B 88 -7.48 -4.00 -35.88
C LYS B 88 -8.14 -4.36 -34.55
N GLY B 89 -9.40 -3.95 -34.40
CA GLY B 89 -10.22 -4.36 -33.27
C GLY B 89 -9.67 -3.95 -31.92
N ASP B 90 -9.78 -4.86 -30.95
CA ASP B 90 -9.30 -4.63 -29.59
C ASP B 90 -7.80 -4.33 -29.54
N GLU B 91 -6.99 -5.02 -30.37
CA GLU B 91 -5.54 -4.79 -30.38
C GLU B 91 -5.24 -3.31 -30.72
N LEU B 92 -6.02 -2.74 -31.63
CA LEU B 92 -5.90 -1.32 -31.93
C LEU B 92 -6.36 -0.43 -30.77
N LYS B 93 -7.58 -0.65 -30.26
CA LYS B 93 -8.08 0.15 -29.13
C LYS B 93 -7.04 0.13 -28.03
N ASN B 94 -6.49 -1.04 -27.69
CA ASN B 94 -5.52 -1.15 -26.58
C ASN B 94 -4.23 -0.43 -26.88
N SER B 95 -3.70 -0.58 -28.08
CA SER B 95 -2.45 0.11 -28.46
C SER B 95 -2.59 1.64 -28.32
N VAL B 96 -3.70 2.17 -28.79
CA VAL B 96 -3.93 3.58 -28.78
C VAL B 96 -4.22 4.09 -27.35
N LEU B 97 -5.09 3.42 -26.61
CA LEU B 97 -5.28 3.82 -25.22
C LEU B 97 -3.93 3.86 -24.50
N ARG B 98 -3.06 2.90 -24.79
CA ARG B 98 -1.81 2.83 -24.06
C ARG B 98 -0.89 3.97 -24.45
N VAL B 99 -0.87 4.33 -25.74
CA VAL B 99 -0.10 5.50 -26.18
C VAL B 99 -0.56 6.78 -25.47
N ILE B 100 -1.85 6.99 -25.35
CA ILE B 100 -2.32 8.16 -24.66
C ILE B 100 -1.97 8.13 -23.18
N TYR B 101 -2.00 6.95 -22.58
CA TYR B 101 -1.74 6.78 -21.15
C TYR B 101 -0.26 7.02 -20.84
N ASN B 102 0.60 6.57 -21.74
CA ASN B 102 2.04 6.76 -21.61
C ASN B 102 2.55 8.07 -22.17
N GLY B 103 1.76 8.72 -22.99
CA GLY B 103 2.19 9.89 -23.72
C GLY B 103 1.75 11.20 -23.06
N TYR B 104 1.77 12.28 -23.83
CA TYR B 104 1.49 13.59 -23.28
C TYR B 104 -0.01 13.80 -23.21
N PRO B 105 -0.59 14.25 -22.08
CA PRO B 105 0.12 14.72 -20.88
C PRO B 105 0.19 13.70 -19.74
N SER B 106 -0.52 12.58 -19.89
CA SER B 106 -0.61 11.55 -18.86
C SER B 106 0.77 11.07 -18.32
N ASN B 107 1.68 10.70 -19.20
CA ASN B 107 3.05 10.35 -18.82
C ASN B 107 3.22 9.23 -17.82
N ALA B 108 2.43 8.17 -17.92
CA ALA B 108 2.49 7.07 -16.95
C ALA B 108 3.86 6.42 -16.72
N LEU B 109 4.71 6.33 -17.73
CA LEU B 109 6.02 5.69 -17.60
C LEU B 109 7.19 6.65 -17.28
N GLY B 110 6.94 7.95 -17.20
CA GLY B 110 8.01 8.94 -16.95
C GLY B 110 8.97 9.12 -18.15
N ILE B 111 8.49 8.82 -19.34
CA ILE B 111 9.28 8.90 -20.51
C ILE B 111 9.79 10.33 -20.72
N LYS B 112 8.95 11.33 -20.45
CA LYS B 112 9.35 12.71 -20.64
C LYS B 112 10.65 13.02 -19.88
N GLU B 113 10.69 12.65 -18.61
CA GLU B 113 11.85 12.93 -17.76
C GLU B 113 13.06 12.04 -18.09
N LYS B 114 12.79 10.79 -18.44
CA LYS B 114 13.84 9.86 -18.82
C LYS B 114 14.67 10.34 -20.03
N TYR B 115 14.05 10.94 -21.03
CA TYR B 115 14.80 11.48 -22.16
C TYR B 115 14.90 13.01 -22.19
N GLN B 116 14.55 13.67 -21.08
CA GLN B 116 14.64 15.14 -20.95
C GLN B 116 13.96 15.92 -22.09
N LEU B 117 12.72 15.55 -22.38
CA LEU B 117 11.98 16.15 -23.44
C LEU B 117 11.29 17.39 -22.94
N THR B 118 11.12 18.34 -23.84
CA THR B 118 10.27 19.48 -23.56
C THR B 118 8.83 19.01 -23.73
N GLU B 119 7.90 19.78 -23.19
CA GLU B 119 6.49 19.50 -23.36
C GLU B 119 6.13 19.33 -24.85
N GLY B 120 6.58 20.26 -25.66
CA GLY B 120 6.33 20.21 -27.09
C GLY B 120 6.90 19.00 -27.81
N GLN B 121 8.11 18.58 -27.48
CA GLN B 121 8.62 17.41 -28.12
C GLN B 121 7.83 16.20 -27.74
N PHE B 122 7.47 16.14 -26.48
CA PHE B 122 6.75 14.96 -25.96
C PHE B 122 5.38 14.82 -26.61
N ARG B 123 4.74 15.94 -26.82
CA ARG B 123 3.48 15.94 -27.52
C ARG B 123 3.60 15.58 -28.97
N LYS B 124 4.64 16.09 -29.64
CA LYS B 124 4.96 15.68 -31.03
C LYS B 124 5.18 14.18 -31.16
N LEU B 125 5.89 13.59 -30.22
CA LEU B 125 6.13 12.14 -30.27
C LEU B 125 4.90 11.32 -30.02
N THR B 126 4.08 11.76 -29.09
CA THR B 126 2.83 11.12 -28.86
C THR B 126 1.98 11.15 -30.13
N GLN B 127 1.90 12.28 -30.79
CA GLN B 127 1.18 12.34 -32.04
C GLN B 127 1.74 11.31 -33.02
N ARG B 128 3.06 11.15 -33.08
CA ARG B 128 3.64 10.22 -34.05
C ARG B 128 3.43 8.78 -33.70
N ALA B 129 3.32 8.50 -32.43
CA ALA B 129 3.01 7.15 -31.98
C ALA B 129 1.59 6.75 -32.33
N VAL B 130 0.65 7.71 -32.22
CA VAL B 130 -0.74 7.44 -32.62
C VAL B 130 -0.79 7.04 -34.07
N TRP B 131 -0.04 7.77 -34.91
CA TRP B 131 0.00 7.53 -36.37
C TRP B 131 0.67 6.23 -36.73
N ASN B 132 1.60 5.80 -35.90
CA ASN B 132 2.15 4.52 -36.09
C ASN B 132 1.09 3.39 -36.10
N PHE B 133 0.04 3.55 -35.32
CA PHE B 133 -1.02 2.50 -35.23
C PHE B 133 -2.20 2.75 -36.18
N THR B 134 -2.55 4.02 -36.39
CA THR B 134 -3.74 4.35 -37.17
C THR B 134 -3.46 4.41 -38.62
N ASP B 135 -2.21 4.70 -38.99
CA ASP B 135 -1.85 4.82 -40.41
C ASP B 135 -0.63 4.00 -40.80
N SER B 136 -0.17 3.13 -39.91
CA SER B 136 1.04 2.37 -40.17
C SER B 136 2.16 3.27 -40.67
N ASN B 137 2.33 4.39 -40.01
CA ASN B 137 3.26 5.40 -40.47
C ASN B 137 4.09 5.88 -39.29
N LEU B 138 5.35 5.45 -39.25
CA LEU B 138 6.27 5.86 -38.21
C LEU B 138 7.33 6.79 -38.82
N SER B 139 7.18 8.08 -38.60
CA SER B 139 8.08 9.06 -39.16
C SER B 139 9.17 9.39 -38.15
N LEU B 140 10.41 9.09 -38.51
CA LEU B 140 11.57 9.53 -37.73
C LEU B 140 12.14 10.87 -38.23
N ASP B 141 11.43 11.54 -39.12
CA ASP B 141 11.91 12.75 -39.73
C ASP B 141 12.12 13.90 -38.73
N LYS B 142 13.31 14.49 -38.79
CA LYS B 142 13.68 15.64 -37.98
C LYS B 142 13.76 15.38 -36.48
N LEU B 143 13.93 14.11 -36.09
CA LEU B 143 14.11 13.77 -34.69
C LEU B 143 15.56 13.56 -34.31
N SER B 144 15.92 14.03 -33.13
CA SER B 144 17.25 13.73 -32.56
C SER B 144 17.22 12.33 -31.97
N GLN B 145 18.38 11.80 -31.62
CA GLN B 145 18.44 10.41 -31.15
C GLN B 145 17.58 10.21 -29.91
N LYS B 146 17.66 11.15 -28.96
CA LYS B 146 16.92 11.00 -27.70
C LYS B 146 15.41 11.01 -28.03
N GLU B 147 14.98 11.83 -28.99
CA GLU B 147 13.59 11.79 -29.46
C GLU B 147 13.24 10.43 -30.10
N ILE B 148 14.11 9.89 -30.94
CA ILE B 148 13.86 8.57 -31.52
C ILE B 148 13.74 7.49 -30.46
N ASP B 149 14.58 7.56 -29.43
CA ASP B 149 14.54 6.54 -28.38
C ASP B 149 13.26 6.61 -27.57
N ALA B 150 12.83 7.82 -27.26
CA ALA B 150 11.57 8.03 -26.56
C ALA B 150 10.38 7.53 -27.36
N LEU B 151 10.41 7.80 -28.63
CA LEU B 151 9.36 7.36 -29.52
C LEU B 151 9.31 5.82 -29.63
N ASN B 152 10.47 5.17 -29.61
CA ASN B 152 10.47 3.73 -29.66
C ASN B 152 9.97 3.15 -28.36
N GLU B 153 10.34 3.77 -27.23
CA GLU B 153 9.83 3.30 -25.92
C GLU B 153 8.31 3.44 -25.90
N LEU B 154 7.78 4.46 -26.54
CA LEU B 154 6.35 4.70 -26.55
C LEU B 154 5.53 3.71 -27.36
N ILE B 155 5.98 3.37 -28.57
CA ILE B 155 5.24 2.45 -29.41
C ILE B 155 5.45 1.00 -29.03
N ASN B 156 6.53 0.68 -28.31
CA ASN B 156 6.85 -0.71 -27.95
C ASN B 156 6.46 -1.09 -26.53
N ALA B 157 6.07 -0.11 -25.73
CA ALA B 157 5.65 -0.34 -24.35
C ALA B 157 4.50 -1.31 -24.31
N LYS B 158 4.62 -2.31 -23.45
CA LYS B 158 3.54 -3.27 -23.25
C LYS B 158 3.16 -3.28 -21.75
N ASN B 159 3.22 -2.12 -21.10
CA ASN B 159 2.79 -1.98 -19.70
C ASN B 159 1.28 -2.16 -19.49
N ALA B 160 0.94 -2.59 -18.28
CA ALA B 160 -0.44 -2.72 -17.85
C ALA B 160 -1.12 -1.36 -17.70
N ILE B 161 -2.33 -1.27 -18.23
CA ILE B 161 -3.16 -0.06 -18.14
C ILE B 161 -4.39 -0.37 -17.30
N PRO B 162 -4.95 0.62 -16.62
CA PRO B 162 -6.18 0.36 -15.94
C PRO B 162 -7.28 -0.19 -16.85
N ASP B 163 -8.13 -0.99 -16.23
CA ASP B 163 -9.24 -1.58 -16.94
C ASP B 163 -10.30 -0.44 -17.14
N ASN B 164 -10.88 -0.49 -18.33
CA ASN B 164 -12.05 0.33 -18.70
C ASN B 164 -11.78 1.79 -18.87
N LEU B 165 -10.55 2.18 -19.09
CA LEU B 165 -10.27 3.42 -19.81
C LEU B 165 -11.06 3.57 -21.11
N VAL B 166 -11.66 4.74 -21.30
CA VAL B 166 -12.32 5.07 -22.57
C VAL B 166 -11.96 6.50 -22.98
N LEU B 167 -11.75 6.68 -24.28
CA LEU B 167 -11.45 7.99 -24.84
C LEU B 167 -12.48 8.36 -25.86
N ASN B 168 -12.69 9.64 -26.06
CA ASN B 168 -13.67 10.06 -27.06
C ASN B 168 -12.98 10.26 -28.36
N LEU B 169 -13.72 10.05 -29.44
CA LEU B 169 -13.29 10.37 -30.73
C LEU B 169 -14.17 11.51 -31.20
N TYR B 170 -13.59 12.58 -31.73
CA TYR B 170 -14.35 13.69 -32.32
C TYR B 170 -14.37 13.56 -33.85
N LEU B 171 -15.58 13.52 -34.40
CA LEU B 171 -15.83 13.28 -35.81
C LEU B 171 -16.31 14.56 -36.47
N PRO B 172 -15.66 14.96 -37.57
CA PRO B 172 -16.01 16.27 -38.11
C PRO B 172 -17.21 16.28 -39.01
N ASP B 173 -17.91 17.40 -39.05
CA ASP B 173 -19.02 17.59 -40.02
C ASP B 173 -18.57 17.35 -41.45
N ASP B 174 -17.39 17.85 -41.80
CA ASP B 174 -16.84 17.69 -43.13
C ASP B 174 -15.64 16.73 -43.09
N SER B 175 -15.72 15.67 -43.87
CA SER B 175 -14.71 14.58 -43.78
C SER B 175 -13.37 14.92 -44.49
N TYR B 176 -13.24 16.10 -45.06
CA TYR B 176 -11.94 16.63 -45.43
C TYR B 176 -10.99 16.71 -44.24
N TYR B 177 -11.54 16.96 -43.05
CA TYR B 177 -10.74 17.14 -41.82
C TYR B 177 -10.53 15.84 -41.06
N GLN B 178 -9.44 15.81 -40.28
CA GLN B 178 -9.08 14.65 -39.51
C GLN B 178 -10.16 14.40 -38.46
N ASN B 179 -10.34 13.13 -38.13
CA ASN B 179 -10.90 12.77 -36.87
C ASN B 179 -9.87 13.02 -35.76
N LEU B 180 -10.35 13.37 -34.58
CA LEU B 180 -9.48 13.77 -33.49
C LEU B 180 -9.70 12.84 -32.33
N LEU B 181 -8.63 12.45 -31.66
CA LEU B 181 -8.68 11.54 -30.53
C LEU B 181 -8.44 12.30 -29.23
N GLY B 182 -9.36 12.19 -28.28
CA GLY B 182 -9.27 12.91 -27.03
C GLY B 182 -8.17 12.40 -26.12
N THR B 183 -7.83 13.12 -25.06
CA THR B 183 -6.87 12.65 -24.08
C THR B 183 -7.41 12.58 -22.65
N LYS B 184 -8.58 13.16 -22.39
CA LYS B 184 -9.25 13.03 -21.08
C LYS B 184 -9.95 11.67 -21.12
N PHE B 185 -9.56 10.75 -20.24
CA PHE B 185 -10.28 9.52 -20.04
C PHE B 185 -11.57 9.83 -19.32
N VAL B 186 -12.63 9.17 -19.74
CA VAL B 186 -13.92 9.29 -19.09
C VAL B 186 -14.09 8.15 -18.09
N THR C 12 -0.26 42.96 -25.70
CA THR C 12 -1.15 41.75 -25.62
C THR C 12 -2.14 41.84 -24.45
N LYS C 13 -3.43 41.84 -24.78
CA LYS C 13 -4.48 41.90 -23.78
C LYS C 13 -4.88 40.46 -23.43
N TYR C 14 -5.41 40.29 -22.23
CA TYR C 14 -5.87 38.99 -21.80
C TYR C 14 -7.34 39.13 -21.40
N LYS C 15 -8.12 38.05 -21.53
CA LYS C 15 -9.45 38.06 -20.97
C LYS C 15 -9.51 37.08 -19.83
N GLY C 16 -10.22 37.49 -18.79
CA GLY C 16 -10.41 36.68 -17.61
C GLY C 16 -11.86 36.26 -17.56
N TYR C 17 -12.13 35.01 -17.21
CA TYR C 17 -13.49 34.52 -17.15
C TYR C 17 -13.68 33.30 -16.26
N THR C 18 -14.91 33.02 -15.85
CA THR C 18 -15.15 31.89 -15.01
C THR C 18 -15.81 30.80 -15.81
N LEU C 19 -15.67 29.55 -15.33
CA LEU C 19 -16.47 28.45 -15.81
C LEU C 19 -17.28 27.90 -14.66
N LEU C 20 -18.48 28.41 -14.53
CA LEU C 20 -19.35 28.20 -13.37
C LEU C 20 -19.89 26.79 -13.24
N ASP C 21 -19.88 26.02 -14.31
CA ASP C 21 -20.44 24.66 -14.34
C ASP C 21 -19.38 23.61 -14.50
N LYS C 22 -18.13 24.00 -14.41
CA LYS C 22 -17.08 23.04 -14.62
C LYS C 22 -17.02 21.95 -13.54
N TYR C 23 -17.19 22.31 -12.27
CA TYR C 23 -17.05 21.33 -11.20
C TYR C 23 -18.43 20.92 -10.74
N PRO C 24 -18.57 19.69 -10.30
CA PRO C 24 -19.86 19.31 -9.75
C PRO C 24 -20.26 20.06 -8.48
N LYS C 25 -21.56 20.16 -8.27
CA LYS C 25 -22.18 20.68 -7.06
C LYS C 25 -21.46 20.28 -5.77
N GLU C 26 -21.04 19.03 -5.68
CA GLU C 26 -20.44 18.47 -4.42
C GLU C 26 -19.09 19.08 -4.10
N ASP C 27 -18.44 19.69 -5.07
CA ASP C 27 -17.20 20.42 -4.84
C ASP C 27 -17.44 21.80 -4.24
N ASP C 28 -18.65 22.32 -4.37
CA ASP C 28 -18.99 23.63 -3.80
C ASP C 28 -18.06 24.75 -4.32
N PHE C 29 -17.89 24.76 -5.63
CA PHE C 29 -16.92 25.61 -6.22
C PHE C 29 -17.28 25.93 -7.66
N ARG C 30 -17.97 27.03 -7.82
CA ARG C 30 -18.27 27.60 -9.13
C ARG C 30 -17.20 28.53 -9.74
N ASP C 31 -16.50 29.28 -8.90
CA ASP C 31 -15.58 30.34 -9.37
C ASP C 31 -14.21 29.86 -9.77
N ALA C 32 -14.20 29.05 -10.83
CA ALA C 32 -12.98 28.53 -11.42
C ALA C 32 -12.60 29.53 -12.46
N ILE C 33 -11.54 30.26 -12.19
CA ILE C 33 -11.17 31.39 -13.06
C ILE C 33 -10.05 31.05 -14.03
N TYR C 34 -10.13 31.55 -15.24
CA TYR C 34 -9.15 31.31 -16.27
C TYR C 34 -8.78 32.62 -16.90
N ILE C 35 -7.60 32.65 -17.50
CA ILE C 35 -7.09 33.77 -18.26
C ILE C 35 -6.71 33.24 -19.67
N GLU C 36 -6.92 34.05 -20.68
CA GLU C 36 -6.70 33.62 -22.05
C GLU C 36 -6.28 34.85 -22.80
N ASP C 37 -5.22 34.73 -23.58
CA ASP C 37 -4.77 35.87 -24.35
C ASP C 37 -5.72 36.15 -25.53
N MET C 38 -5.82 37.43 -25.90
CA MET C 38 -6.75 37.89 -26.93
C MET C 38 -6.21 37.72 -28.31
N ASP C 39 -4.93 37.42 -28.45
CA ASP C 39 -4.38 37.20 -29.79
C ASP C 39 -4.73 35.74 -29.86
N ASN C 40 -3.98 34.86 -30.48
CA ASN C 40 -4.34 33.46 -30.21
C ASN C 40 -3.25 32.58 -29.67
N ASN C 41 -2.00 32.94 -29.90
CA ASN C 41 -0.80 32.46 -29.18
C ASN C 41 -0.92 31.20 -28.35
N ASP C 42 -1.79 31.24 -27.34
CA ASP C 42 -1.87 30.16 -26.38
C ASP C 42 -3.27 29.86 -25.90
N THR C 43 -3.33 28.79 -25.14
CA THR C 43 -4.54 28.31 -24.52
C THR C 43 -4.76 28.96 -23.17
N SER C 44 -5.90 28.67 -22.57
CA SER C 44 -6.27 29.17 -21.27
C SER C 44 -5.41 28.64 -20.15
N SER C 45 -5.27 29.41 -19.09
CA SER C 45 -4.56 28.95 -17.94
C SER C 45 -5.34 29.26 -16.62
N VAL C 46 -5.22 28.35 -15.67
CA VAL C 46 -5.81 28.52 -14.36
C VAL C 46 -5.22 29.74 -13.72
N VAL C 47 -6.07 30.54 -13.10
CA VAL C 47 -5.63 31.63 -12.26
C VAL C 47 -6.50 31.75 -11.04
N TYR C 48 -6.03 32.53 -10.09
CA TYR C 48 -6.71 32.69 -8.82
C TYR C 48 -6.94 34.15 -8.55
N CYS C 49 -8.00 34.39 -7.80
CA CYS C 49 -8.38 35.71 -7.43
C CYS C 49 -7.44 36.15 -6.37
N PHE C 50 -6.91 37.34 -6.55
CA PHE C 50 -5.96 37.96 -5.61
C PHE C 50 -6.65 38.88 -4.58
N ASN C 51 -7.93 39.20 -4.80
CA ASN C 51 -8.66 40.18 -4.02
C ASN C 51 -10.10 39.71 -3.70
N VAL C 52 -10.26 39.15 -2.51
CA VAL C 52 -11.55 38.61 -2.09
C VAL C 52 -12.69 39.64 -2.08
N THR C 53 -12.38 40.92 -1.87
CA THR C 53 -13.44 41.95 -1.81
C THR C 53 -13.82 42.54 -3.15
N LYS C 54 -13.20 42.09 -4.25
CA LYS C 54 -13.49 42.63 -5.59
C LYS C 54 -14.24 41.59 -6.41
N ALA C 55 -14.80 42.00 -7.53
CA ALA C 55 -15.70 41.17 -8.32
C ALA C 55 -14.95 40.16 -9.22
N THR C 56 -15.44 38.93 -9.31
CA THR C 56 -14.80 37.96 -10.16
C THR C 56 -15.15 38.35 -11.57
N PRO C 57 -14.32 37.97 -12.53
CA PRO C 57 -14.71 38.18 -13.91
C PRO C 57 -15.99 37.44 -14.25
N THR C 58 -16.63 37.83 -15.34
CA THR C 58 -17.85 37.22 -15.80
C THR C 58 -17.63 35.78 -16.32
N PHE C 59 -18.72 35.05 -16.57
CA PHE C 59 -18.64 33.70 -17.12
C PHE C 59 -18.21 33.73 -18.59
N LYS C 60 -17.65 32.63 -19.05
CA LYS C 60 -17.04 32.56 -20.37
C LYS C 60 -18.00 32.95 -21.46
N GLY C 61 -19.23 32.48 -21.40
CA GLY C 61 -20.24 32.87 -22.40
C GLY C 61 -20.90 34.24 -22.25
N SER C 62 -20.50 35.01 -21.23
CA SER C 62 -21.09 36.30 -20.93
C SER C 62 -20.90 37.26 -22.09
N VAL C 63 -21.85 38.16 -22.24
CA VAL C 63 -21.78 39.20 -23.23
C VAL C 63 -20.74 40.28 -22.83
N VAL C 64 -20.43 40.37 -21.54
CA VAL C 64 -19.38 41.28 -21.03
C VAL C 64 -18.07 40.49 -20.98
N LYS C 65 -17.02 40.97 -21.64
CA LYS C 65 -15.69 40.33 -21.58
C LYS C 65 -14.80 41.20 -20.71
N VAL C 66 -14.22 40.66 -19.65
CA VAL C 66 -13.39 41.46 -18.77
C VAL C 66 -11.92 41.33 -19.17
N LEU C 67 -11.28 42.46 -19.48
CA LEU C 67 -9.93 42.52 -20.00
C LEU C 67 -8.82 42.85 -18.99
N TYR C 68 -7.62 42.31 -19.22
CA TYR C 68 -6.54 42.34 -18.26
C TYR C 68 -5.22 42.62 -18.96
N ASN C 69 -4.27 43.24 -18.24
CA ASN C 69 -2.89 43.35 -18.67
C ASN C 69 -1.99 42.52 -17.79
N GLU C 70 -0.97 41.92 -18.39
CA GLU C 70 -0.06 41.01 -17.72
C GLU C 70 1.10 41.80 -17.19
N GLN C 71 1.58 41.43 -16.01
CA GLN C 71 2.78 42.03 -15.42
C GLN C 71 3.53 41.00 -14.59
N PHE C 72 4.86 41.06 -14.62
CA PHE C 72 5.69 40.24 -13.75
C PHE C 72 5.39 40.64 -12.34
N GLY C 73 5.03 39.64 -11.54
CA GLY C 73 4.79 39.82 -10.13
C GLY C 73 6.11 39.95 -9.40
N SER C 74 6.30 41.09 -8.74
CA SER C 74 7.43 41.35 -7.86
C SER C 74 6.92 41.57 -6.43
N SER C 75 7.84 41.69 -5.45
CA SER C 75 7.46 42.03 -4.07
C SER C 75 6.72 43.38 -4.04
N LYS C 76 7.29 44.39 -4.69
CA LYS C 76 6.66 45.72 -4.78
C LYS C 76 5.19 45.55 -5.24
N LEU C 77 5.00 44.83 -6.34
CA LEU C 77 3.71 44.73 -6.96
C LEU C 77 2.69 43.92 -6.16
N PHE C 78 3.08 42.73 -5.66
CA PHE C 78 2.13 41.95 -4.86
C PHE C 78 1.64 42.72 -3.66
N THR C 79 2.53 43.47 -3.05
CA THR C 79 2.18 44.29 -1.90
C THR C 79 1.24 45.44 -2.27
N GLU C 80 1.49 46.09 -3.42
CA GLU C 80 0.65 47.22 -3.86
C GLU C 80 -0.78 46.74 -4.13
N LYS C 81 -0.93 45.53 -4.66
CA LYS C 81 -2.24 45.02 -5.09
C LYS C 81 -3.02 44.23 -4.06
N ALA C 82 -2.35 43.72 -3.02
CA ALA C 82 -3.06 43.07 -1.95
C ALA C 82 -3.74 44.12 -1.11
N ILE C 83 -4.92 43.80 -0.59
CA ILE C 83 -5.74 44.81 0.06
C ILE C 83 -5.60 44.77 1.57
N LYS C 84 -5.60 43.58 2.19
CA LYS C 84 -5.32 43.44 3.64
C LYS C 84 -4.28 42.33 3.83
N PRO C 85 -3.09 42.49 3.22
CA PRO C 85 -2.07 41.45 3.26
C PRO C 85 -1.63 41.12 4.68
N ARG C 86 -1.53 39.83 4.98
CA ARG C 86 -1.15 39.35 6.29
C ARG C 86 0.33 39.66 6.59
N VAL C 87 1.16 39.62 5.56
CA VAL C 87 2.59 39.97 5.64
C VAL C 87 2.97 40.77 4.39
N LYS C 88 4.09 41.46 4.41
CA LYS C 88 4.44 42.37 3.32
C LYS C 88 5.81 42.00 2.65
N GLY C 89 6.12 42.63 1.52
CA GLY C 89 7.41 42.45 0.81
C GLY C 89 7.72 41.03 0.36
N ASP C 90 8.97 40.63 0.53
CA ASP C 90 9.46 39.30 0.17
C ASP C 90 8.72 38.17 0.92
N GLU C 91 8.38 38.36 2.20
CA GLU C 91 7.65 37.33 2.94
C GLU C 91 6.30 37.04 2.28
N LEU C 92 5.65 38.07 1.73
CA LEU C 92 4.41 37.86 0.97
C LEU C 92 4.66 37.15 -0.37
N LYS C 93 5.59 37.66 -1.18
CA LYS C 93 5.94 37.01 -2.45
C LYS C 93 6.22 35.54 -2.22
N ASN C 94 7.03 35.22 -1.21
CA ASN C 94 7.35 33.83 -0.92
C ASN C 94 6.20 32.98 -0.46
N SER C 95 5.37 33.51 0.42
CA SER C 95 4.18 32.77 0.87
C SER C 95 3.26 32.40 -0.28
N VAL C 96 3.06 33.35 -1.19
CA VAL C 96 2.18 33.14 -2.31
C VAL C 96 2.79 32.23 -3.36
N LEU C 97 4.05 32.45 -3.72
CA LEU C 97 4.70 31.51 -4.65
C LEU C 97 4.63 30.10 -4.10
N ARG C 98 4.76 29.96 -2.79
CA ARG C 98 4.74 28.63 -2.20
C ARG C 98 3.35 28.02 -2.24
N VAL C 99 2.31 28.81 -2.00
CA VAL C 99 0.94 28.31 -2.14
C VAL C 99 0.65 27.81 -3.56
N ILE C 100 1.07 28.56 -4.56
CA ILE C 100 0.88 28.10 -5.92
C ILE C 100 1.68 26.82 -6.22
N TYR C 101 2.88 26.72 -5.69
CA TYR C 101 3.77 25.56 -5.93
C TYR C 101 3.25 24.29 -5.25
N ASN C 102 2.69 24.46 -4.06
CA ASN C 102 2.07 23.37 -3.32
C ASN C 102 0.60 23.10 -3.68
N GLY C 103 -0.05 24.05 -4.32
CA GLY C 103 -1.49 23.98 -4.56
C GLY C 103 -1.84 23.52 -5.96
N TYR C 104 -3.07 23.74 -6.38
CA TYR C 104 -3.55 23.21 -7.64
C TYR C 104 -3.13 24.12 -8.79
N PRO C 105 -2.55 23.61 -9.88
CA PRO C 105 -2.36 22.19 -10.17
C PRO C 105 -0.98 21.61 -9.85
N SER C 106 -0.02 22.47 -9.49
CA SER C 106 1.38 22.05 -9.24
C SER C 106 1.53 20.88 -8.27
N ASN C 107 0.89 20.96 -7.11
CA ASN C 107 0.83 19.87 -6.13
C ASN C 107 2.19 19.35 -5.62
N ALA C 108 3.15 20.21 -5.36
CA ALA C 108 4.50 19.75 -4.99
C ALA C 108 4.56 18.81 -3.80
N LEU C 109 3.66 18.96 -2.82
CA LEU C 109 3.70 18.15 -1.59
C LEU C 109 2.79 16.93 -1.60
N GLY C 110 2.04 16.71 -2.68
CA GLY C 110 1.10 15.59 -2.74
C GLY C 110 -0.10 15.75 -1.80
N ILE C 111 -0.44 16.96 -1.47
CA ILE C 111 -1.54 17.21 -0.56
C ILE C 111 -2.84 16.63 -1.10
N LYS C 112 -3.05 16.74 -2.39
CA LYS C 112 -4.29 16.28 -2.99
C LYS C 112 -4.51 14.84 -2.65
N GLU C 113 -3.51 14.02 -2.89
CA GLU C 113 -3.62 12.57 -2.66
C GLU C 113 -3.64 12.22 -1.18
N LYS C 114 -2.89 12.95 -0.36
CA LYS C 114 -2.87 12.72 1.11
C LYS C 114 -4.25 12.86 1.74
N TYR C 115 -5.05 13.83 1.30
CA TYR C 115 -6.40 13.99 1.85
C TYR C 115 -7.51 13.59 0.87
N GLN C 116 -7.15 12.92 -0.22
CA GLN C 116 -8.14 12.38 -1.17
C GLN C 116 -9.14 13.41 -1.67
N LEU C 117 -8.61 14.54 -2.09
CA LEU C 117 -9.40 15.63 -2.61
C LEU C 117 -9.69 15.42 -4.09
N THR C 118 -10.83 15.90 -4.51
CA THR C 118 -11.14 16.00 -5.92
C THR C 118 -10.38 17.22 -6.46
N GLU C 119 -10.25 17.31 -7.78
CA GLU C 119 -9.59 18.42 -8.41
C GLU C 119 -10.25 19.72 -7.95
N GLY C 120 -11.56 19.76 -7.99
CA GLY C 120 -12.29 20.94 -7.61
C GLY C 120 -12.13 21.36 -6.16
N GLN C 121 -12.09 20.41 -5.24
CA GLN C 121 -11.84 20.79 -3.83
C GLN C 121 -10.47 21.35 -3.66
N PHE C 122 -9.50 20.76 -4.36
CA PHE C 122 -8.13 21.20 -4.20
C PHE C 122 -7.95 22.61 -4.73
N ARG C 123 -8.58 22.92 -5.85
CA ARG C 123 -8.50 24.23 -6.43
C ARG C 123 -9.21 25.23 -5.54
N LYS C 124 -10.36 24.87 -4.97
CA LYS C 124 -11.04 25.72 -4.00
C LYS C 124 -10.15 26.03 -2.80
N LEU C 125 -9.47 25.03 -2.27
CA LEU C 125 -8.59 25.26 -1.10
C LEU C 125 -7.43 26.16 -1.44
N THR C 126 -6.86 25.95 -2.62
CA THR C 126 -5.77 26.78 -3.06
C THR C 126 -6.24 28.24 -3.14
N GLN C 127 -7.41 28.47 -3.69
CA GLN C 127 -7.95 29.82 -3.74
C GLN C 127 -8.08 30.38 -2.34
N ARG C 128 -8.49 29.56 -1.37
CA ARG C 128 -8.65 30.07 -0.01
C ARG C 128 -7.32 30.34 0.69
N ALA C 129 -6.31 29.60 0.32
CA ALA C 129 -5.01 29.82 0.88
C ALA C 129 -4.43 31.14 0.38
N VAL C 130 -4.67 31.45 -0.89
CA VAL C 130 -4.14 32.72 -1.47
C VAL C 130 -4.74 33.86 -0.69
N TRP C 131 -6.04 33.76 -0.41
CA TRP C 131 -6.76 34.78 0.34
C TRP C 131 -6.33 34.91 1.78
N ASN C 132 -5.87 33.82 2.35
CA ASN C 132 -5.30 33.89 3.67
C ASN C 132 -4.13 34.89 3.76
N PHE C 133 -3.35 35.01 2.69
CA PHE C 133 -2.20 35.91 2.67
C PHE C 133 -2.49 37.32 2.09
N THR C 134 -3.38 37.39 1.10
CA THR C 134 -3.62 38.64 0.41
C THR C 134 -4.67 39.45 1.08
N ASP C 135 -5.56 38.80 1.82
CA ASP C 135 -6.64 39.50 2.52
C ASP C 135 -6.79 39.14 3.97
N SER C 136 -5.81 38.44 4.53
CA SER C 136 -5.90 38.00 5.93
C SER C 136 -7.25 37.39 6.22
N ASN C 137 -7.70 36.52 5.33
CA ASN C 137 -9.03 35.97 5.41
C ASN C 137 -8.98 34.50 5.16
N LEU C 138 -9.15 33.73 6.23
CA LEU C 138 -9.15 32.28 6.16
C LEU C 138 -10.57 31.78 6.45
N SER C 139 -11.27 31.38 5.40
CA SER C 139 -12.64 30.93 5.51
C SER C 139 -12.68 29.41 5.63
N LEU C 140 -13.16 28.90 6.76
CA LEU C 140 -13.40 27.47 6.93
C LEU C 140 -14.84 27.09 6.61
N ASP C 141 -15.58 28.02 6.03
CA ASP C 141 -16.98 27.80 5.74
C ASP C 141 -17.24 26.66 4.75
N LYS C 142 -18.12 25.75 5.17
CA LYS C 142 -18.61 24.65 4.34
C LYS C 142 -17.55 23.59 4.01
N LEU C 143 -16.48 23.53 4.79
CA LEU C 143 -15.43 22.52 4.58
C LEU C 143 -15.59 21.34 5.52
N SER C 144 -15.36 20.14 5.01
CA SER C 144 -15.27 18.95 5.83
C SER C 144 -13.93 18.93 6.56
N GLN C 145 -13.77 18.05 7.53
CA GLN C 145 -12.54 18.02 8.31
C GLN C 145 -11.29 17.75 7.44
N LYS C 146 -11.38 16.82 6.50
CA LYS C 146 -10.25 16.50 5.61
C LYS C 146 -9.91 17.76 4.76
N GLU C 147 -10.91 18.50 4.30
CA GLU C 147 -10.64 19.76 3.63
C GLU C 147 -9.97 20.76 4.55
N ILE C 148 -10.44 20.92 5.76
CA ILE C 148 -9.80 21.82 6.70
C ILE C 148 -8.34 21.45 6.96
N ASP C 149 -8.06 20.17 7.09
CA ASP C 149 -6.69 19.72 7.35
C ASP C 149 -5.76 20.00 6.18
N ALA C 150 -6.23 19.78 4.98
CA ALA C 150 -5.48 20.09 3.77
C ALA C 150 -5.17 21.56 3.67
N LEU C 151 -6.16 22.36 4.00
CA LEU C 151 -6.02 23.82 3.93
C LEU C 151 -5.06 24.34 4.98
N ASN C 152 -5.04 23.72 6.16
CA ASN C 152 -4.02 24.05 7.14
C ASN C 152 -2.62 23.60 6.73
N GLU C 153 -2.49 22.42 6.14
CA GLU C 153 -1.20 22.00 5.61
C GLU C 153 -0.69 22.98 4.53
N LEU C 154 -1.60 23.52 3.73
CA LEU C 154 -1.24 24.41 2.63
C LEU C 154 -0.71 25.78 3.09
N ILE C 155 -1.38 26.39 4.06
CA ILE C 155 -0.98 27.70 4.53
C ILE C 155 0.21 27.66 5.49
N ASN C 156 0.46 26.53 6.14
CA ASN C 156 1.52 26.41 7.14
C ASN C 156 2.80 25.81 6.60
N ALA C 157 2.75 25.25 5.39
CA ALA C 157 3.92 24.62 4.78
C ALA C 157 5.07 25.59 4.68
N LYS C 158 6.24 25.15 5.10
CA LYS C 158 7.42 25.96 5.01
C LYS C 158 8.49 25.18 4.21
N ASN C 159 8.06 24.41 3.22
CA ASN C 159 9.00 23.69 2.37
C ASN C 159 9.85 24.62 1.50
N ALA C 160 11.01 24.14 1.11
CA ALA C 160 11.90 24.80 0.15
C ALA C 160 11.30 24.80 -1.28
N ILE C 161 11.36 25.97 -1.91
CA ILE C 161 10.90 26.16 -3.28
C ILE C 161 12.09 26.52 -4.15
N PRO C 162 12.02 26.22 -5.45
CA PRO C 162 13.13 26.64 -6.30
C PRO C 162 13.37 28.15 -6.28
N ASP C 163 14.62 28.55 -6.49
CA ASP C 163 15.03 29.95 -6.45
C ASP C 163 14.50 30.74 -7.68
N ASN C 164 14.34 30.07 -8.81
CA ASN C 164 14.00 30.77 -10.07
C ASN C 164 12.53 31.30 -10.20
N LEU C 165 11.61 30.91 -9.33
CA LEU C 165 10.16 31.09 -9.58
C LEU C 165 9.60 32.52 -9.71
N VAL C 166 8.87 32.77 -10.81
CA VAL C 166 8.10 34.02 -10.98
C VAL C 166 6.70 33.72 -11.56
N LEU C 167 5.70 34.47 -11.06
CA LEU C 167 4.36 34.34 -11.53
C LEU C 167 3.89 35.66 -12.06
N ASN C 168 2.94 35.63 -13.01
CA ASN C 168 2.40 36.87 -13.53
C ASN C 168 1.21 37.27 -12.73
N LEU C 169 1.00 38.57 -12.65
CA LEU C 169 -0.22 39.10 -12.09
C LEU C 169 -0.96 39.75 -13.25
N TYR C 170 -2.25 39.48 -13.39
CA TYR C 170 -3.09 40.13 -14.39
C TYR C 170 -3.91 41.24 -13.73
N LEU C 171 -3.74 42.46 -14.27
CA LEU C 171 -4.37 43.65 -13.75
C LEU C 171 -5.49 44.09 -14.69
N PRO C 172 -6.71 44.30 -14.16
CA PRO C 172 -7.82 44.62 -15.04
C PRO C 172 -7.89 46.07 -15.50
N ASP C 173 -8.41 46.30 -16.70
CA ASP C 173 -8.73 47.65 -17.17
C ASP C 173 -9.65 48.44 -16.21
N ASP C 174 -10.65 47.76 -15.65
CA ASP C 174 -11.55 48.33 -14.68
C ASP C 174 -11.31 47.76 -13.30
N SER C 175 -11.02 48.62 -12.34
CA SER C 175 -10.61 48.15 -11.01
C SER C 175 -11.78 47.62 -10.10
N TYR C 176 -13.00 47.66 -10.61
CA TYR C 176 -14.10 46.90 -10.02
C TYR C 176 -13.78 45.42 -9.92
N TYR C 177 -12.99 44.90 -10.87
CA TYR C 177 -12.68 43.47 -10.94
C TYR C 177 -11.39 43.12 -10.20
N GLN C 178 -11.31 41.87 -9.77
CA GLN C 178 -10.16 41.38 -9.04
C GLN C 178 -8.95 41.39 -9.93
N ASN C 179 -7.79 41.57 -9.30
CA ASN C 179 -6.53 41.19 -9.90
C ASN C 179 -6.43 39.69 -9.86
N LEU C 180 -5.79 39.10 -10.85
CA LEU C 180 -5.73 37.66 -10.97
C LEU C 180 -4.28 37.22 -10.89
N LEU C 181 -4.01 36.12 -10.18
CA LEU C 181 -2.66 35.59 -10.01
C LEU C 181 -2.48 34.34 -10.88
N GLY C 182 -1.44 34.32 -11.74
CA GLY C 182 -1.23 33.21 -12.66
C GLY C 182 -0.77 31.96 -11.94
N THR C 183 -0.80 30.81 -12.59
CA THR C 183 -0.22 29.59 -12.04
C THR C 183 0.89 28.95 -12.87
N LYS C 184 1.10 29.40 -14.11
CA LYS C 184 2.24 29.00 -14.90
C LYS C 184 3.43 29.83 -14.40
N PHE C 185 4.46 29.16 -13.89
CA PHE C 185 5.74 29.80 -13.59
C PHE C 185 6.42 30.07 -14.91
N VAL C 186 7.02 31.24 -15.02
CA VAL C 186 7.60 31.66 -16.26
C VAL C 186 9.10 31.47 -16.20
N THR C 187 9.64 30.89 -17.27
CA THR C 187 11.09 30.73 -17.55
C THR C 187 12.03 31.78 -16.92
N THR D 12 -15.13 -47.00 -1.15
CA THR D 12 -14.41 -46.02 -2.03
C THR D 12 -13.04 -45.64 -1.44
N LYS D 13 -11.99 -45.96 -2.21
CA LYS D 13 -10.63 -45.59 -1.84
C LYS D 13 -10.29 -44.22 -2.48
N TYR D 14 -9.37 -43.51 -1.83
CA TYR D 14 -8.91 -42.22 -2.32
C TYR D 14 -7.40 -42.29 -2.50
N LYS D 15 -6.86 -41.53 -3.44
CA LYS D 15 -5.44 -41.41 -3.53
C LYS D 15 -5.07 -39.99 -3.13
N GLY D 16 -3.99 -39.88 -2.37
CA GLY D 16 -3.45 -38.61 -1.98
C GLY D 16 -2.16 -38.38 -2.74
N TYR D 17 -1.90 -37.14 -3.15
CA TYR D 17 -0.69 -36.83 -3.88
C TYR D 17 -0.31 -35.36 -3.86
N THR D 18 0.95 -35.06 -4.17
CA THR D 18 1.38 -33.68 -4.19
C THR D 18 1.55 -33.20 -5.61
N LEU D 19 1.46 -31.89 -5.79
CA LEU D 19 1.88 -31.27 -7.01
C LEU D 19 3.03 -30.32 -6.69
N LEU D 20 4.25 -30.84 -6.82
CA LEU D 20 5.47 -30.18 -6.42
C LEU D 20 5.83 -28.95 -7.22
N ASP D 21 5.31 -28.81 -8.43
CA ASP D 21 5.67 -27.72 -9.35
C ASP D 21 4.51 -26.81 -9.60
N LYS D 22 3.46 -26.93 -8.81
CA LYS D 22 2.29 -26.09 -9.02
C LYS D 22 2.52 -24.61 -8.72
N TYR D 23 3.21 -24.28 -7.62
CA TYR D 23 3.41 -22.89 -7.24
C TYR D 23 4.82 -22.45 -7.62
N PRO D 24 5.00 -21.18 -7.93
CA PRO D 24 6.33 -20.72 -8.24
C PRO D 24 7.28 -20.77 -7.04
N LYS D 25 8.56 -20.90 -7.36
CA LYS D 25 9.66 -20.86 -6.39
C LYS D 25 9.48 -19.79 -5.30
N GLU D 26 9.02 -18.61 -5.68
CA GLU D 26 8.90 -17.47 -4.75
C GLU D 26 7.86 -17.71 -3.66
N ASP D 27 6.95 -18.65 -3.86
CA ASP D 27 5.95 -18.98 -2.85
C ASP D 27 6.55 -19.89 -1.80
N ASP D 28 7.67 -20.53 -2.12
CA ASP D 28 8.35 -21.44 -1.18
C ASP D 28 7.42 -22.52 -0.66
N PHE D 29 6.73 -23.17 -1.59
CA PHE D 29 5.68 -24.09 -1.24
C PHE D 29 5.45 -25.17 -2.30
N ARG D 30 6.17 -26.27 -2.13
CA ARG D 30 6.03 -27.45 -2.99
C ARG D 30 4.95 -28.43 -2.58
N ASP D 31 4.73 -28.57 -1.28
CA ASP D 31 3.82 -29.59 -0.77
C ASP D 31 2.36 -29.19 -0.78
N ALA D 32 1.85 -29.04 -2.00
CA ALA D 32 0.44 -28.77 -2.27
C ALA D 32 -0.23 -30.12 -2.44
N ILE D 33 -1.05 -30.50 -1.45
CA ILE D 33 -1.58 -31.86 -1.40
C ILE D 33 -3.00 -31.93 -1.87
N TYR D 34 -3.34 -33.00 -2.60
CA TYR D 34 -4.68 -33.20 -3.15
C TYR D 34 -5.11 -34.61 -2.84
N ILE D 35 -6.42 -34.81 -2.80
CA ILE D 35 -7.03 -36.10 -2.65
C ILE D 35 -7.96 -36.31 -3.87
N GLU D 36 -8.07 -37.52 -4.35
CA GLU D 36 -8.86 -37.83 -5.52
C GLU D 36 -9.41 -39.25 -5.33
N ASP D 37 -10.68 -39.45 -5.60
CA ASP D 37 -11.27 -40.76 -5.44
C ASP D 37 -10.83 -41.69 -6.58
N MET D 38 -10.78 -42.98 -6.27
CA MET D 38 -10.27 -43.98 -7.20
C MET D 38 -11.32 -44.45 -8.18
N ASP D 39 -12.59 -44.10 -7.97
CA ASP D 39 -13.69 -44.57 -8.85
C ASP D 39 -14.16 -43.61 -9.95
N ASN D 40 -13.38 -42.59 -10.21
CA ASN D 40 -13.75 -41.50 -11.06
C ASN D 40 -15.12 -40.85 -10.86
N ASN D 41 -15.61 -40.72 -9.62
CA ASN D 41 -16.89 -40.00 -9.37
C ASN D 41 -16.70 -38.47 -9.40
N ASP D 42 -15.57 -38.00 -8.90
CA ASP D 42 -15.31 -36.60 -8.75
C ASP D 42 -13.89 -36.23 -9.10
N THR D 43 -13.66 -34.94 -9.05
CA THR D 43 -12.39 -34.32 -9.29
C THR D 43 -11.61 -34.23 -7.97
N SER D 44 -10.35 -33.79 -8.06
CA SER D 44 -9.50 -33.63 -6.86
C SER D 44 -9.91 -32.46 -5.99
N SER D 45 -9.48 -32.53 -4.75
CA SER D 45 -9.74 -31.49 -3.81
C SER D 45 -8.50 -31.18 -2.96
N VAL D 46 -8.33 -29.89 -2.65
CA VAL D 46 -7.29 -29.46 -1.78
C VAL D 46 -7.42 -30.14 -0.43
N VAL D 47 -6.31 -30.64 0.12
CA VAL D 47 -6.27 -31.12 1.49
C VAL D 47 -4.99 -30.68 2.17
N TYR D 48 -5.00 -30.79 3.49
CA TYR D 48 -3.86 -30.39 4.27
C TYR D 48 -3.35 -31.55 5.09
N CYS D 49 -2.06 -31.51 5.36
CA CYS D 49 -1.40 -32.50 6.20
C CYS D 49 -1.79 -32.24 7.64
N PHE D 50 -2.20 -33.28 8.30
CA PHE D 50 -2.65 -33.23 9.67
C PHE D 50 -1.52 -33.62 10.65
N ASN D 51 -0.41 -34.17 10.14
CA ASN D 51 0.71 -34.68 10.97
C ASN D 51 2.07 -34.25 10.43
N VAL D 52 2.63 -33.19 11.00
CA VAL D 52 3.92 -32.66 10.55
C VAL D 52 5.10 -33.65 10.67
N THR D 53 5.05 -34.61 11.60
CA THR D 53 6.13 -35.61 11.76
C THR D 53 6.01 -36.83 10.86
N LYS D 54 4.98 -36.92 10.02
CA LYS D 54 4.79 -38.08 9.16
C LYS D 54 5.00 -37.66 7.68
N ALA D 55 5.12 -38.63 6.79
CA ALA D 55 5.52 -38.37 5.41
C ALA D 55 4.36 -37.86 4.51
N THR D 56 4.64 -36.90 3.65
CA THR D 56 3.62 -36.44 2.72
C THR D 56 3.44 -37.53 1.69
N PRO D 57 2.26 -37.59 1.06
CA PRO D 57 2.08 -38.51 -0.05
C PRO D 57 3.00 -38.17 -1.21
N THR D 58 3.19 -39.12 -2.11
CA THR D 58 4.11 -38.96 -3.23
C THR D 58 3.56 -37.99 -4.25
N PHE D 59 4.39 -37.63 -5.23
CA PHE D 59 3.94 -36.72 -6.28
C PHE D 59 3.00 -37.42 -7.22
N LYS D 60 2.19 -36.64 -7.92
CA LYS D 60 1.12 -37.15 -8.74
C LYS D 60 1.61 -38.16 -9.77
N GLY D 61 2.68 -37.85 -10.48
CA GLY D 61 3.21 -38.85 -11.41
C GLY D 61 3.95 -40.08 -10.84
N SER D 62 4.12 -40.16 -9.52
CA SER D 62 4.95 -41.17 -8.90
C SER D 62 4.50 -42.58 -9.21
N VAL D 63 5.44 -43.52 -9.21
CA VAL D 63 5.10 -44.94 -9.39
C VAL D 63 4.45 -45.51 -8.16
N VAL D 64 4.65 -44.89 -7.01
CA VAL D 64 3.98 -45.27 -5.78
C VAL D 64 2.71 -44.43 -5.66
N LYS D 65 1.56 -45.05 -5.54
CA LYS D 65 0.28 -44.33 -5.30
C LYS D 65 -0.10 -44.53 -3.83
N VAL D 66 -0.28 -43.47 -3.08
CA VAL D 66 -0.62 -43.64 -1.67
C VAL D 66 -2.11 -43.59 -1.46
N LEU D 67 -2.66 -44.67 -0.90
CA LEU D 67 -4.10 -44.80 -0.73
C LEU D 67 -4.68 -44.44 0.67
N TYR D 68 -5.92 -43.93 0.68
CA TYR D 68 -6.55 -43.38 1.85
C TYR D 68 -7.99 -43.83 1.95
N ASN D 69 -8.51 -43.91 3.18
CA ASN D 69 -9.94 -44.08 3.45
C ASN D 69 -10.50 -42.80 4.03
N GLU D 70 -11.74 -42.50 3.66
CA GLU D 70 -12.41 -41.28 4.09
C GLU D 70 -13.19 -41.56 5.38
N GLN D 71 -13.21 -40.60 6.30
CA GLN D 71 -14.01 -40.67 7.52
C GLN D 71 -14.49 -39.30 7.92
N PHE D 72 -15.71 -39.23 8.45
CA PHE D 72 -16.23 -38.00 9.02
C PHE D 72 -15.34 -37.66 10.20
N GLY D 73 -14.81 -36.44 10.20
CA GLY D 73 -14.02 -35.93 11.29
C GLY D 73 -14.92 -35.53 12.46
N SER D 74 -14.70 -36.16 13.61
CA SER D 74 -15.35 -35.81 14.86
C SER D 74 -14.29 -35.36 15.88
N SER D 75 -14.73 -34.89 17.05
CA SER D 75 -13.81 -34.56 18.14
C SER D 75 -12.97 -35.78 18.53
N LYS D 76 -13.63 -36.91 18.76
CA LYS D 76 -12.95 -38.15 19.12
C LYS D 76 -11.83 -38.40 18.11
N LEU D 77 -12.19 -38.35 16.83
CA LEU D 77 -11.25 -38.71 15.79
C LEU D 77 -10.09 -37.70 15.61
N PHE D 78 -10.37 -36.39 15.55
CA PHE D 78 -9.28 -35.42 15.41
C PHE D 78 -8.28 -35.56 16.53
N THR D 79 -8.76 -35.80 17.74
CA THR D 79 -7.90 -35.95 18.90
C THR D 79 -7.06 -37.23 18.83
N GLU D 80 -7.67 -38.33 18.38
CA GLU D 80 -6.95 -39.60 18.26
C GLU D 80 -5.80 -39.47 17.23
N LYS D 81 -6.00 -38.71 16.16
CA LYS D 81 -5.04 -38.65 15.07
C LYS D 81 -4.02 -37.55 15.17
N ALA D 82 -4.29 -36.52 15.96
CA ALA D 82 -3.29 -35.49 16.19
C ALA D 82 -2.22 -36.06 17.11
N ILE D 83 -0.98 -35.66 16.89
CA ILE D 83 0.13 -36.30 17.57
C ILE D 83 0.62 -35.49 18.79
N LYS D 84 0.73 -34.17 18.68
CA LYS D 84 1.04 -33.29 19.82
C LYS D 84 0.04 -32.12 19.81
N PRO D 85 -1.26 -32.44 19.91
CA PRO D 85 -2.30 -31.42 19.80
C PRO D 85 -2.18 -30.36 20.91
N ARG D 86 -2.30 -29.09 20.52
CA ARG D 86 -2.17 -27.98 21.47
C ARG D 86 -3.35 -27.96 22.43
N VAL D 87 -4.52 -28.37 21.95
CA VAL D 87 -5.74 -28.46 22.75
C VAL D 87 -6.49 -29.74 22.35
N LYS D 88 -7.43 -30.21 23.15
CA LYS D 88 -8.11 -31.48 22.85
C LYS D 88 -9.65 -31.32 22.69
N GLY D 89 -10.32 -32.39 22.25
CA GLY D 89 -11.79 -32.43 22.12
C GLY D 89 -12.40 -31.38 21.21
N ASP D 90 -13.51 -30.81 21.65
CA ASP D 90 -14.22 -29.79 20.89
C ASP D 90 -13.37 -28.55 20.58
N GLU D 91 -12.54 -28.12 21.54
CA GLU D 91 -11.73 -26.91 21.33
C GLU D 91 -10.80 -27.16 20.13
N LEU D 92 -10.31 -28.38 19.96
CA LEU D 92 -9.51 -28.73 18.78
C LEU D 92 -10.35 -28.74 17.50
N LYS D 93 -11.44 -29.49 17.47
CA LYS D 93 -12.32 -29.53 16.31
C LYS D 93 -12.64 -28.10 15.88
N ASN D 94 -13.02 -27.25 16.81
CA ASN D 94 -13.40 -25.88 16.47
C ASN D 94 -12.26 -25.05 15.95
N SER D 95 -11.09 -25.15 16.56
CA SER D 95 -9.92 -24.41 16.10
C SER D 95 -9.57 -24.78 14.64
N VAL D 96 -9.63 -26.06 14.34
CA VAL D 96 -9.29 -26.54 13.02
C VAL D 96 -10.36 -26.20 11.99
N LEU D 97 -11.63 -26.43 12.32
CA LEU D 97 -12.68 -26.03 11.39
C LEU D 97 -12.55 -24.55 11.08
N ARG D 98 -12.18 -23.75 12.08
CA ARG D 98 -12.09 -22.31 11.87
C ARG D 98 -10.91 -21.94 11.00
N VAL D 99 -9.78 -22.61 11.18
CA VAL D 99 -8.64 -22.42 10.27
C VAL D 99 -9.00 -22.75 8.82
N ILE D 100 -9.70 -23.84 8.57
CA ILE D 100 -10.08 -24.13 7.20
C ILE D 100 -11.06 -23.10 6.65
N TYR D 101 -11.96 -22.61 7.50
CA TYR D 101 -12.99 -21.66 7.08
C TYR D 101 -12.37 -20.30 6.73
N ASN D 102 -11.37 -19.91 7.52
CA ASN D 102 -10.68 -18.63 7.30
C ASN D 102 -9.54 -18.72 6.32
N GLY D 103 -9.10 -19.94 6.03
CA GLY D 103 -7.88 -20.16 5.26
C GLY D 103 -8.18 -20.48 3.83
N TYR D 104 -7.18 -21.02 3.13
CA TYR D 104 -7.31 -21.27 1.70
C TYR D 104 -8.05 -22.58 1.45
N PRO D 105 -9.04 -22.62 0.57
CA PRO D 105 -9.48 -21.51 -0.29
C PRO D 105 -10.69 -20.71 0.22
N SER D 106 -11.35 -21.17 1.28
CA SER D 106 -12.57 -20.54 1.83
C SER D 106 -12.45 -19.02 2.08
N ASN D 107 -11.41 -18.58 2.77
CA ASN D 107 -11.09 -17.15 2.96
C ASN D 107 -12.15 -16.28 3.62
N ALA D 108 -12.85 -16.80 4.63
CA ALA D 108 -13.99 -16.09 5.23
C ALA D 108 -13.67 -14.68 5.72
N LEU D 109 -12.46 -14.42 6.18
CA LEU D 109 -12.09 -13.10 6.73
C LEU D 109 -11.39 -12.16 5.77
N GLY D 110 -11.16 -12.58 4.52
CA GLY D 110 -10.46 -11.76 3.53
C GLY D 110 -8.98 -11.55 3.85
N ILE D 111 -8.40 -12.48 4.60
CA ILE D 111 -7.02 -12.36 4.99
C ILE D 111 -6.10 -12.27 3.76
N LYS D 112 -6.42 -13.05 2.72
CA LYS D 112 -5.59 -13.07 1.55
C LYS D 112 -5.42 -11.68 0.98
N GLU D 113 -6.53 -10.96 0.77
CA GLU D 113 -6.51 -9.61 0.17
C GLU D 113 -5.92 -8.57 1.17
N LYS D 114 -6.20 -8.73 2.47
CA LYS D 114 -5.67 -7.83 3.50
C LYS D 114 -4.14 -7.77 3.53
N TYR D 115 -3.46 -8.90 3.37
CA TYR D 115 -1.98 -8.91 3.34
C TYR D 115 -1.38 -9.14 1.95
N GLN D 116 -2.21 -9.06 0.92
CA GLN D 116 -1.75 -9.20 -0.46
C GLN D 116 -0.93 -10.45 -0.71
N LEU D 117 -1.47 -11.58 -0.27
CA LEU D 117 -0.84 -12.86 -0.46
C LEU D 117 -1.18 -13.45 -1.81
N THR D 118 -0.25 -14.21 -2.36
CA THR D 118 -0.52 -15.04 -3.53
C THR D 118 -1.30 -16.26 -3.03
N GLU D 119 -1.91 -16.96 -3.97
CA GLU D 119 -2.61 -18.19 -3.63
C GLU D 119 -1.68 -19.16 -2.88
N GLY D 120 -0.49 -19.36 -3.42
CA GLY D 120 0.44 -20.27 -2.82
C GLY D 120 0.89 -19.89 -1.43
N GLN D 121 1.11 -18.62 -1.19
CA GLN D 121 1.49 -18.21 0.18
C GLN D 121 0.35 -18.45 1.14
N PHE D 122 -0.86 -18.16 0.71
CA PHE D 122 -1.97 -18.32 1.57
C PHE D 122 -2.19 -19.78 1.93
N ARG D 123 -1.98 -20.66 0.97
CA ARG D 123 -2.15 -22.08 1.22
C ARG D 123 -1.05 -22.62 2.12
N LYS D 124 0.17 -22.16 1.93
CA LYS D 124 1.27 -22.46 2.84
C LYS D 124 0.97 -22.02 4.28
N LEU D 125 0.44 -20.82 4.46
CA LEU D 125 0.13 -20.34 5.81
C LEU D 125 -0.99 -21.14 6.44
N THR D 126 -1.97 -21.49 5.65
CA THR D 126 -3.04 -22.31 6.15
C THR D 126 -2.48 -23.64 6.67
N GLN D 127 -1.59 -24.23 5.90
CA GLN D 127 -1.00 -25.50 6.32
C GLN D 127 -0.31 -25.31 7.64
N ARG D 128 0.37 -24.17 7.81
CA ARG D 128 1.12 -23.95 9.04
C ARG D 128 0.23 -23.67 10.23
N ALA D 129 -0.93 -23.10 9.97
CA ALA D 129 -1.88 -22.87 11.03
C ALA D 129 -2.46 -24.18 11.53
N VAL D 130 -2.72 -25.10 10.60
CA VAL D 130 -3.26 -26.41 11.00
C VAL D 130 -2.27 -27.07 11.96
N TRP D 131 -0.98 -27.00 11.61
CA TRP D 131 0.06 -27.62 12.40
C TRP D 131 0.22 -26.97 13.73
N ASN D 132 -0.08 -25.70 13.80
CA ASN D 132 -0.06 -25.03 15.08
C ASN D 132 -0.98 -25.71 16.11
N PHE D 133 -2.09 -26.29 15.65
CA PHE D 133 -3.04 -26.94 16.54
C PHE D 133 -2.85 -28.44 16.68
N THR D 134 -2.46 -29.10 15.60
CA THR D 134 -2.36 -30.56 15.60
C THR D 134 -1.02 -31.05 16.11
N ASP D 135 0.01 -30.23 16.02
CA ASP D 135 1.36 -30.61 16.47
C ASP D 135 2.01 -29.57 17.37
N SER D 136 1.26 -28.57 17.84
CA SER D 136 1.83 -27.49 18.65
C SER D 136 3.12 -26.97 18.02
N ASN D 137 3.09 -26.72 16.73
CA ASN D 137 4.28 -26.38 15.99
C ASN D 137 3.98 -25.23 15.07
N LEU D 138 4.47 -24.05 15.44
CA LEU D 138 4.28 -22.84 14.65
C LEU D 138 5.61 -22.42 14.06
N SER D 139 5.81 -22.70 12.78
CA SER D 139 7.06 -22.40 12.11
C SER D 139 6.94 -21.04 11.43
N LEU D 140 7.76 -20.09 11.87
CA LEU D 140 7.89 -18.80 11.17
C LEU D 140 9.01 -18.80 10.14
N ASP D 141 9.57 -19.96 9.84
CA ASP D 141 10.72 -20.07 8.98
C ASP D 141 10.46 -19.59 7.55
N LYS D 142 11.33 -18.69 7.07
CA LYS D 142 11.32 -18.18 5.69
C LYS D 142 10.11 -17.33 5.35
N LEU D 143 9.43 -16.79 6.36
CA LEU D 143 8.28 -15.93 6.13
C LEU D 143 8.70 -14.44 6.20
N SER D 144 8.15 -13.63 5.30
CA SER D 144 8.25 -12.19 5.39
C SER D 144 7.29 -11.66 6.48
N GLN D 145 7.44 -10.40 6.88
CA GLN D 145 6.63 -9.86 7.98
C GLN D 145 5.13 -9.90 7.68
N LYS D 146 4.75 -9.58 6.45
CA LYS D 146 3.35 -9.65 6.07
C LYS D 146 2.84 -11.10 6.17
N GLU D 147 3.64 -12.07 5.76
CA GLU D 147 3.23 -13.48 5.92
C GLU D 147 3.09 -13.80 7.41
N ILE D 148 4.02 -13.35 8.25
CA ILE D 148 3.91 -13.62 9.69
C ILE D 148 2.67 -13.00 10.31
N ASP D 149 2.33 -11.81 9.88
CA ASP D 149 1.12 -11.15 10.38
C ASP D 149 -0.16 -11.88 9.97
N ALA D 150 -0.21 -12.34 8.72
CA ALA D 150 -1.35 -13.10 8.24
C ALA D 150 -1.51 -14.39 9.01
N LEU D 151 -0.41 -15.03 9.27
CA LEU D 151 -0.42 -16.29 9.95
C LEU D 151 -0.87 -16.09 11.40
N ASN D 152 -0.47 -14.98 12.02
CA ASN D 152 -0.95 -14.71 13.37
C ASN D 152 -2.43 -14.38 13.37
N GLU D 153 -2.91 -13.65 12.38
CA GLU D 153 -4.35 -13.38 12.28
C GLU D 153 -5.13 -14.70 12.14
N LEU D 154 -4.56 -15.65 11.42
CA LEU D 154 -5.23 -16.92 11.16
C LEU D 154 -5.38 -17.78 12.42
N ILE D 155 -4.30 -17.90 13.19
CA ILE D 155 -4.33 -18.77 14.36
C ILE D 155 -5.05 -18.13 15.55
N ASN D 156 -5.15 -16.80 15.57
CA ASN D 156 -5.72 -16.07 16.69
C ASN D 156 -7.16 -15.64 16.47
N ALA D 157 -7.66 -15.79 15.26
CA ALA D 157 -9.04 -15.44 14.95
C ALA D 157 -9.99 -16.22 15.85
N LYS D 158 -10.95 -15.51 16.44
CA LYS D 158 -11.99 -16.13 17.23
C LYS D 158 -13.37 -15.73 16.64
N ASN D 159 -13.45 -15.62 15.30
CA ASN D 159 -14.72 -15.31 14.62
C ASN D 159 -15.74 -16.46 14.71
N ALA D 160 -17.01 -16.09 14.63
CA ALA D 160 -18.11 -17.05 14.60
C ALA D 160 -18.12 -17.85 13.28
N ILE D 161 -18.29 -19.17 13.40
CA ILE D 161 -18.34 -20.09 12.27
C ILE D 161 -19.76 -20.69 12.24
N PRO D 162 -20.26 -21.05 11.04
CA PRO D 162 -21.55 -21.74 11.04
C PRO D 162 -21.57 -23.01 11.90
N ASP D 163 -22.74 -23.32 12.47
CA ASP D 163 -22.93 -24.49 13.34
C ASP D 163 -22.85 -25.82 12.54
N ASN D 164 -23.25 -25.83 11.27
CA ASN D 164 -23.36 -27.07 10.49
C ASN D 164 -22.04 -27.79 10.09
N LEU D 165 -20.90 -27.12 10.19
CA LEU D 165 -19.65 -27.57 9.53
C LEU D 165 -19.04 -28.92 9.91
N VAL D 166 -18.77 -29.76 8.91
CA VAL D 166 -18.01 -30.99 9.11
C VAL D 166 -16.99 -31.15 7.96
N LEU D 167 -15.82 -31.66 8.31
CA LEU D 167 -14.77 -31.96 7.32
C LEU D 167 -14.44 -33.41 7.38
N ASN D 168 -13.97 -33.95 6.27
CA ASN D 168 -13.51 -35.34 6.25
C ASN D 168 -12.04 -35.43 6.59
N LEU D 169 -11.66 -36.54 7.22
CA LEU D 169 -10.29 -36.85 7.47
C LEU D 169 -10.00 -38.08 6.61
N TYR D 170 -8.89 -38.06 5.87
CA TYR D 170 -8.46 -39.21 5.08
C TYR D 170 -7.33 -39.92 5.80
N LEU D 171 -7.54 -41.21 6.07
CA LEU D 171 -6.64 -42.06 6.87
C LEU D 171 -5.94 -43.04 5.95
N PRO D 172 -4.61 -43.10 5.98
CA PRO D 172 -3.91 -43.91 5.00
C PRO D 172 -3.87 -45.39 5.34
N ASP D 173 -3.85 -46.24 4.32
CA ASP D 173 -3.57 -47.66 4.51
C ASP D 173 -2.27 -47.92 5.30
N ASP D 174 -1.21 -47.16 5.01
CA ASP D 174 0.09 -47.30 5.67
C ASP D 174 0.35 -46.09 6.56
N SER D 175 0.56 -46.32 7.84
CA SER D 175 0.63 -45.19 8.79
C SER D 175 1.98 -44.40 8.77
N TYR D 176 2.91 -44.81 7.93
CA TYR D 176 4.07 -43.98 7.59
C TYR D 176 3.67 -42.64 7.01
N TYR D 177 2.51 -42.59 6.32
CA TYR D 177 2.02 -41.36 5.68
C TYR D 177 1.09 -40.54 6.59
N GLN D 178 1.01 -39.25 6.31
CA GLN D 178 0.21 -38.34 7.07
C GLN D 178 -1.23 -38.69 6.90
N ASN D 179 -2.01 -38.42 7.93
CA ASN D 179 -3.45 -38.22 7.76
C ASN D 179 -3.68 -36.90 7.06
N LEU D 180 -4.72 -36.82 6.24
CA LEU D 180 -4.98 -35.63 5.46
C LEU D 180 -6.32 -35.06 5.89
N LEU D 181 -6.41 -33.74 5.97
CA LEU D 181 -7.64 -33.05 6.35
C LEU D 181 -8.28 -32.40 5.12
N GLY D 182 -9.56 -32.70 4.86
CA GLY D 182 -10.26 -32.15 3.69
C GLY D 182 -10.55 -30.67 3.81
N THR D 183 -10.93 -30.01 2.73
CA THR D 183 -11.37 -28.61 2.78
C THR D 183 -12.80 -28.36 2.29
N LYS D 184 -13.42 -29.34 1.63
CA LYS D 184 -14.80 -29.28 1.23
C LYS D 184 -15.59 -29.61 2.51
N PHE D 185 -16.41 -28.66 2.97
CA PHE D 185 -17.39 -28.93 4.03
C PHE D 185 -18.52 -29.75 3.45
N VAL D 186 -18.95 -30.75 4.20
CA VAL D 186 -20.01 -31.62 3.75
C VAL D 186 -21.37 -30.95 4.04
N THR E 12 2.26 6.99 45.11
CA THR E 12 3.61 7.05 44.48
C THR E 12 3.91 8.43 43.92
N LYS E 13 4.96 9.04 44.45
CA LYS E 13 5.41 10.36 43.97
C LYS E 13 6.49 10.14 42.87
N TYR E 14 6.63 11.11 41.99
CA TYR E 14 7.60 11.04 40.91
C TYR E 14 8.45 12.28 41.00
N LYS E 15 9.71 12.19 40.56
CA LYS E 15 10.53 13.39 40.46
C LYS E 15 10.79 13.65 39.01
N GLY E 16 10.72 14.91 38.65
CA GLY E 16 10.99 15.34 37.29
C GLY E 16 12.32 16.07 37.31
N TYR E 17 13.14 15.89 36.28
CA TYR E 17 14.39 16.60 36.20
C TYR E 17 14.93 16.72 34.78
N THR E 18 15.86 17.64 34.57
CA THR E 18 16.49 17.76 33.28
C THR E 18 17.89 17.21 33.29
N LEU E 19 18.35 16.81 32.12
CA LEU E 19 19.78 16.51 31.92
C LEU E 19 20.34 17.45 30.89
N LEU E 20 20.85 18.57 31.39
CA LEU E 20 21.30 19.72 30.61
C LEU E 20 22.51 19.48 29.72
N ASP E 21 23.32 18.48 30.00
CA ASP E 21 24.57 18.24 29.26
C ASP E 21 24.42 16.94 28.45
N LYS E 22 23.21 16.40 28.33
CA LYS E 22 23.07 15.12 27.66
C LYS E 22 23.36 15.15 26.15
N TYR E 23 22.85 16.13 25.48
CA TYR E 23 23.02 16.20 24.03
C TYR E 23 24.14 17.16 23.70
N PRO E 24 24.86 16.90 22.61
CA PRO E 24 25.86 17.89 22.23
C PRO E 24 25.28 19.29 21.88
N LYS E 25 26.12 20.30 22.05
CA LYS E 25 25.89 21.68 21.61
C LYS E 25 25.19 21.82 20.25
N GLU E 26 25.59 21.02 19.26
CA GLU E 26 25.08 21.13 17.88
C GLU E 26 23.59 20.75 17.77
N ASP E 27 23.06 20.03 18.74
CA ASP E 27 21.65 19.68 18.76
C ASP E 27 20.82 20.84 19.27
N ASP E 28 21.43 21.79 19.97
CA ASP E 28 20.74 22.98 20.45
C ASP E 28 19.57 22.60 21.36
N PHE E 29 19.84 21.71 22.29
CA PHE E 29 18.80 21.12 23.07
C PHE E 29 19.31 20.66 24.44
N ARG E 30 19.20 21.54 25.41
CA ARG E 30 19.49 21.23 26.81
C ARG E 30 18.33 20.61 27.61
N ASP E 31 17.11 21.03 27.31
CA ASP E 31 15.97 20.64 28.19
C ASP E 31 15.37 19.27 27.90
N ALA E 32 16.18 18.27 28.18
CA ALA E 32 15.79 16.89 28.01
C ALA E 32 15.25 16.53 29.37
N ILE E 33 13.95 16.32 29.43
CA ILE E 33 13.28 16.09 30.71
C ILE E 33 12.98 14.61 30.95
N TYR E 34 13.14 14.16 32.20
CA TYR E 34 12.87 12.78 32.57
C TYR E 34 12.01 12.79 33.80
N ILE E 35 11.30 11.69 33.99
CA ILE E 35 10.50 11.44 35.19
C ILE E 35 10.99 10.12 35.81
N GLU E 36 11.00 10.03 37.13
CA GLU E 36 11.52 8.86 37.80
C GLU E 36 10.72 8.74 39.07
N ASP E 37 10.26 7.54 39.36
CA ASP E 37 9.48 7.32 40.57
C ASP E 37 10.37 7.37 41.82
N MET E 38 9.76 7.79 42.92
CA MET E 38 10.47 7.97 44.18
C MET E 38 10.65 6.66 44.96
N ASP E 39 9.98 5.58 44.56
CA ASP E 39 10.03 4.30 45.30
C ASP E 39 10.95 3.20 44.72
N ASN E 40 11.83 3.58 43.83
CA ASN E 40 12.68 2.65 43.09
C ASN E 40 12.04 1.45 42.37
N ASN E 41 10.82 1.58 41.86
CA ASN E 41 10.18 0.47 41.12
C ASN E 41 10.74 0.35 39.73
N ASP E 42 11.03 1.49 39.13
CA ASP E 42 11.42 1.54 37.76
C ASP E 42 12.52 2.57 37.50
N THR E 43 12.93 2.58 36.23
CA THR E 43 13.91 3.48 35.71
C THR E 43 13.24 4.73 35.18
N SER E 44 14.06 5.69 34.77
CA SER E 44 13.60 6.96 34.24
C SER E 44 12.94 6.84 32.89
N SER E 45 12.04 7.76 32.57
CA SER E 45 11.40 7.82 31.26
C SER E 45 11.49 9.20 30.70
N VAL E 46 11.65 9.24 29.40
CA VAL E 46 11.52 10.48 28.67
C VAL E 46 10.15 11.06 28.87
N VAL E 47 10.09 12.34 29.11
CA VAL E 47 8.83 13.06 29.11
C VAL E 47 9.00 14.41 28.42
N TYR E 48 7.89 15.04 28.09
CA TYR E 48 7.90 16.31 27.42
C TYR E 48 7.11 17.32 28.22
N CYS E 49 7.50 18.57 28.06
CA CYS E 49 6.87 19.69 28.70
C CYS E 49 5.57 19.97 28.01
N PHE E 50 4.52 20.08 28.79
CA PHE E 50 3.17 20.29 28.29
C PHE E 50 2.79 21.75 28.29
N ASN E 51 3.58 22.61 28.93
CA ASN E 51 3.27 24.04 29.10
C ASN E 51 4.50 24.92 28.84
N VAL E 52 4.59 25.43 27.62
CA VAL E 52 5.74 26.27 27.25
C VAL E 52 5.95 27.52 28.15
N THR E 53 4.90 28.05 28.74
CA THR E 53 5.02 29.26 29.56
C THR E 53 5.38 28.99 31.01
N LYS E 54 5.53 27.75 31.41
CA LYS E 54 5.87 27.41 32.81
C LYS E 54 7.32 26.89 32.91
N ALA E 55 7.84 26.76 34.14
CA ALA E 55 9.25 26.44 34.39
C ALA E 55 9.56 24.97 34.28
N THR E 56 10.66 24.64 33.64
CA THR E 56 11.06 23.23 33.51
C THR E 56 11.54 22.81 34.89
N PRO E 57 11.52 21.53 35.17
CA PRO E 57 12.07 21.06 36.41
C PRO E 57 13.57 21.31 36.48
N THR E 58 14.14 21.22 37.68
CA THR E 58 15.56 21.46 37.89
C THR E 58 16.41 20.35 37.33
N PHE E 59 17.72 20.56 37.28
CA PHE E 59 18.65 19.54 36.77
C PHE E 59 18.80 18.42 37.81
N LYS E 60 19.21 17.27 37.31
CA LYS E 60 19.20 16.05 38.10
C LYS E 60 19.97 16.16 39.36
N GLY E 61 21.15 16.74 39.31
CA GLY E 61 21.88 17.01 40.56
C GLY E 61 21.45 18.15 41.52
N SER E 62 20.39 18.86 41.18
CA SER E 62 19.98 20.06 41.88
C SER E 62 19.63 19.78 43.33
N VAL E 63 19.84 20.77 44.19
CA VAL E 63 19.39 20.68 45.60
C VAL E 63 17.87 20.77 45.72
N VAL E 64 17.21 21.37 44.74
CA VAL E 64 15.76 21.41 44.68
C VAL E 64 15.29 20.19 43.88
N LYS E 65 14.45 19.35 44.47
CA LYS E 65 13.88 18.18 43.75
C LYS E 65 12.41 18.55 43.44
N VAL E 66 12.01 18.58 42.18
CA VAL E 66 10.65 18.90 41.84
C VAL E 66 9.76 17.66 41.76
N LEU E 67 8.71 17.61 42.60
CA LEU E 67 7.83 16.43 42.75
C LEU E 67 6.47 16.49 42.00
N TYR E 68 6.01 15.33 41.56
CA TYR E 68 4.93 15.21 40.59
C TYR E 68 4.02 14.05 41.00
N ASN E 69 2.73 14.17 40.68
CA ASN E 69 1.78 13.07 40.77
C ASN E 69 1.41 12.62 39.41
N GLU E 70 1.22 11.33 39.25
CA GLU E 70 0.86 10.71 37.99
C GLU E 70 -0.67 10.64 37.86
N GLN E 71 -1.18 10.83 36.66
CA GLN E 71 -2.60 10.69 36.35
C GLN E 71 -2.78 10.20 34.94
N PHE E 72 -3.79 9.35 34.75
CA PHE E 72 -4.18 8.94 33.40
C PHE E 72 -4.65 10.16 32.65
N GLY E 73 -4.06 10.37 31.49
CA GLY E 73 -4.43 11.47 30.61
C GLY E 73 -5.71 11.13 29.89
N SER E 74 -6.73 11.95 30.09
CA SER E 74 -7.99 11.88 29.37
C SER E 74 -8.20 13.17 28.55
N SER E 75 -9.24 13.20 27.73
CA SER E 75 -9.61 14.43 27.04
C SER E 75 -9.88 15.59 28.01
N LYS E 76 -10.72 15.33 29.01
CA LYS E 76 -11.03 16.34 30.05
C LYS E 76 -9.71 16.90 30.58
N LEU E 77 -8.80 16.02 30.97
CA LEU E 77 -7.58 16.45 31.64
C LEU E 77 -6.61 17.18 30.72
N PHE E 78 -6.33 16.67 29.52
CA PHE E 78 -5.41 17.36 28.63
C PHE E 78 -5.90 18.76 28.32
N THR E 79 -7.20 18.91 28.15
CA THR E 79 -7.78 20.21 27.89
C THR E 79 -7.68 21.15 29.10
N GLU E 80 -7.91 20.63 30.31
CA GLU E 80 -7.82 21.45 31.53
C GLU E 80 -6.38 21.97 31.74
N LYS E 81 -5.38 21.18 31.39
CA LYS E 81 -3.98 21.53 31.64
C LYS E 81 -3.24 22.24 30.55
N ALA E 82 -3.73 22.16 29.33
CA ALA E 82 -3.17 22.97 28.26
C ALA E 82 -3.59 24.41 28.47
N ILE E 83 -2.72 25.34 28.14
CA ILE E 83 -2.94 26.74 28.45
C ILE E 83 -3.51 27.54 27.25
N LYS E 84 -2.99 27.32 26.03
CA LYS E 84 -3.55 27.95 24.81
C LYS E 84 -3.71 26.88 23.72
N PRO E 85 -4.53 25.84 24.01
CA PRO E 85 -4.62 24.66 23.15
C PRO E 85 -5.19 25.01 21.79
N ARG E 86 -4.57 24.50 20.73
CA ARG E 86 -4.96 24.82 19.38
C ARG E 86 -6.33 24.19 19.06
N VAL E 87 -6.58 23.03 19.64
CA VAL E 87 -7.86 22.32 19.47
C VAL E 87 -8.22 21.72 20.83
N LYS E 88 -9.48 21.32 21.02
CA LYS E 88 -9.92 20.87 22.35
C LYS E 88 -10.44 19.41 22.32
N GLY E 89 -10.69 18.85 23.49
CA GLY E 89 -11.33 17.52 23.63
C GLY E 89 -10.57 16.37 23.00
N ASP E 90 -11.30 15.48 22.34
CA ASP E 90 -10.72 14.33 21.66
C ASP E 90 -9.72 14.70 20.58
N GLU E 91 -10.00 15.76 19.82
CA GLU E 91 -9.09 16.16 18.74
C GLU E 91 -7.71 16.49 19.33
N LEU E 92 -7.69 17.08 20.53
CA LEU E 92 -6.43 17.34 21.21
C LEU E 92 -5.76 16.04 21.68
N LYS E 93 -6.49 15.21 22.42
CA LYS E 93 -5.96 13.94 22.89
C LYS E 93 -5.35 13.19 21.72
N ASN E 94 -6.06 13.10 20.60
CA ASN E 94 -5.58 12.35 19.46
C ASN E 94 -4.34 12.97 18.84
N SER E 95 -4.33 14.29 18.68
CA SER E 95 -3.18 14.95 18.09
C SER E 95 -1.92 14.66 18.89
N VAL E 96 -2.04 14.72 20.22
CA VAL E 96 -0.93 14.56 21.09
C VAL E 96 -0.49 13.12 21.18
N LEU E 97 -1.42 12.20 21.31
CA LEU E 97 -1.05 10.80 21.28
C LEU E 97 -0.32 10.49 19.98
N ARG E 98 -0.74 11.10 18.89
CA ARG E 98 -0.12 10.79 17.61
C ARG E 98 1.28 11.39 17.51
N VAL E 99 1.48 12.60 18.04
CA VAL E 99 2.83 13.17 18.13
C VAL E 99 3.79 12.29 18.94
N ILE E 100 3.36 11.79 20.08
CA ILE E 100 4.23 10.90 20.82
C ILE E 100 4.50 9.61 20.05
N TYR E 101 3.49 9.10 19.34
CA TYR E 101 3.64 7.81 18.63
C TYR E 101 4.59 7.94 17.45
N ASN E 102 4.53 9.09 16.79
CA ASN E 102 5.39 9.37 15.63
C ASN E 102 6.72 9.99 16.00
N GLY E 103 6.82 10.51 17.23
CA GLY E 103 7.99 11.26 17.67
C GLY E 103 8.97 10.44 18.46
N TYR E 104 9.87 11.12 19.17
CA TYR E 104 10.93 10.42 19.87
C TYR E 104 10.43 9.91 21.22
N PRO E 105 10.65 8.65 21.57
CA PRO E 105 11.51 7.68 20.85
C PRO E 105 10.76 6.68 19.95
N SER E 106 9.43 6.66 20.05
CA SER E 106 8.59 5.70 19.34
C SER E 106 8.87 5.61 17.82
N ASN E 107 8.91 6.75 17.15
CA ASN E 107 9.28 6.83 15.74
C ASN E 107 8.45 6.00 14.75
N ALA E 108 7.14 5.93 14.93
CA ALA E 108 6.31 5.04 14.10
C ALA E 108 6.44 5.26 12.58
N LEU E 109 6.68 6.49 12.14
CA LEU E 109 6.76 6.79 10.70
C LEU E 109 8.18 6.81 10.09
N GLY E 110 9.21 6.57 10.90
CA GLY E 110 10.60 6.62 10.42
C GLY E 110 11.06 8.02 10.04
N ILE E 111 10.45 9.03 10.66
CA ILE E 111 10.83 10.40 10.38
C ILE E 111 12.29 10.69 10.71
N LYS E 112 12.78 10.15 11.80
CA LYS E 112 14.15 10.35 12.19
C LYS E 112 15.10 9.99 11.03
N GLU E 113 14.94 8.81 10.45
CA GLU E 113 15.85 8.34 9.41
C GLU E 113 15.61 9.07 8.11
N LYS E 114 14.35 9.39 7.82
CA LYS E 114 14.00 10.09 6.58
C LYS E 114 14.72 11.44 6.47
N TYR E 115 14.85 12.17 7.58
CA TYR E 115 15.56 13.45 7.55
C TYR E 115 16.93 13.44 8.22
N GLN E 116 17.43 12.26 8.52
CA GLN E 116 18.78 12.09 9.09
C GLN E 116 19.01 12.96 10.31
N LEU E 117 18.07 12.89 11.23
CA LEU E 117 18.15 13.60 12.48
C LEU E 117 18.96 12.82 13.50
N THR E 118 19.64 13.54 14.37
CA THR E 118 20.25 12.96 15.55
C THR E 118 19.15 12.75 16.57
N GLU E 119 19.44 11.94 17.57
CA GLU E 119 18.46 11.65 18.62
C GLU E 119 18.01 12.96 19.26
N GLY E 120 18.96 13.81 19.57
CA GLY E 120 18.66 15.08 20.17
C GLY E 120 17.82 16.01 19.33
N GLN E 121 18.08 16.08 18.05
CA GLN E 121 17.23 16.94 17.20
C GLN E 121 15.79 16.40 17.18
N PHE E 122 15.66 15.08 17.10
CA PHE E 122 14.36 14.46 16.95
C PHE E 122 13.53 14.69 18.21
N ARG E 123 14.19 14.64 19.35
CA ARG E 123 13.52 14.89 20.59
C ARG E 123 13.14 16.35 20.72
N LYS E 124 14.01 17.26 20.32
CA LYS E 124 13.69 18.69 20.28
C LYS E 124 12.48 19.00 19.40
N LEU E 125 12.42 18.38 18.24
CA LEU E 125 11.28 18.60 17.34
C LEU E 125 10.00 18.05 17.94
N THR E 126 10.10 16.88 18.58
CA THR E 126 8.94 16.31 19.21
C THR E 126 8.42 17.27 20.27
N GLN E 127 9.31 17.86 21.04
CA GLN E 127 8.91 18.79 22.08
C GLN E 127 8.23 19.93 21.45
N ARG E 128 8.69 20.37 20.30
CA ARG E 128 8.05 21.54 19.65
C ARG E 128 6.70 21.21 19.06
N ALA E 129 6.52 19.97 18.64
CA ALA E 129 5.28 19.56 18.08
C ALA E 129 4.22 19.50 19.16
N VAL E 130 4.61 19.07 20.34
CA VAL E 130 3.67 19.01 21.47
C VAL E 130 3.17 20.41 21.72
N TRP E 131 4.08 21.38 21.72
CA TRP E 131 3.76 22.78 22.01
C TRP E 131 2.89 23.40 20.94
N ASN E 132 3.02 22.92 19.73
CA ASN E 132 2.16 23.35 18.66
C ASN E 132 0.69 23.13 19.02
N PHE E 133 0.40 22.06 19.75
CA PHE E 133 -0.98 21.71 20.10
C PHE E 133 -1.44 22.25 21.46
N THR E 134 -0.53 22.28 22.42
CA THR E 134 -0.89 22.62 23.77
C THR E 134 -0.85 24.10 23.99
N ASP E 135 -0.02 24.80 23.21
CA ASP E 135 0.14 26.25 23.40
C ASP E 135 0.00 27.05 22.11
N SER E 136 -0.46 26.42 21.05
CA SER E 136 -0.57 27.07 19.76
C SER E 136 0.71 27.83 19.45
N ASN E 137 1.84 27.19 19.64
CA ASN E 137 3.11 27.84 19.50
C ASN E 137 4.04 26.93 18.70
N LEU E 138 4.28 27.31 17.45
CA LEU E 138 5.17 26.56 16.59
C LEU E 138 6.39 27.41 16.31
N SER E 139 7.49 27.08 16.97
CA SER E 139 8.72 27.82 16.84
C SER E 139 9.62 27.16 15.81
N LEU E 140 9.90 27.88 14.73
CA LEU E 140 10.88 27.43 13.74
C LEU E 140 12.29 28.00 14.02
N ASP E 141 12.47 28.60 15.18
CA ASP E 141 13.71 29.26 15.53
C ASP E 141 14.91 28.30 15.58
N LYS E 142 15.96 28.65 14.85
CA LYS E 142 17.25 27.95 14.82
C LYS E 142 17.20 26.58 14.17
N LEU E 143 16.20 26.31 13.36
CA LEU E 143 16.08 25.03 12.68
C LEU E 143 16.59 25.13 11.26
N SER E 144 17.29 24.10 10.83
CA SER E 144 17.67 23.97 9.42
C SER E 144 16.46 23.50 8.62
N GLN E 145 16.54 23.55 7.29
CA GLN E 145 15.41 23.17 6.46
C GLN E 145 14.95 21.72 6.73
N LYS E 146 15.89 20.78 6.88
CA LYS E 146 15.50 19.41 7.10
C LYS E 146 14.79 19.31 8.43
N GLU E 147 15.23 20.05 9.45
CA GLU E 147 14.53 20.05 10.72
C GLU E 147 13.15 20.61 10.55
N ILE E 148 13.00 21.69 9.79
CA ILE E 148 11.67 22.26 9.55
C ILE E 148 10.76 21.29 8.84
N ASP E 149 11.29 20.55 7.88
CA ASP E 149 10.49 19.57 7.13
C ASP E 149 10.02 18.43 8.02
N ALA E 150 10.90 17.94 8.88
CA ALA E 150 10.56 16.88 9.78
C ALA E 150 9.47 17.31 10.77
N LEU E 151 9.59 18.53 11.23
CA LEU E 151 8.67 19.06 12.18
C LEU E 151 7.30 19.22 11.52
N ASN E 152 7.27 19.61 10.26
CA ASN E 152 6.00 19.74 9.57
C ASN E 152 5.38 18.38 9.34
N GLU E 153 6.19 17.39 8.98
CA GLU E 153 5.67 16.03 8.81
C GLU E 153 5.07 15.52 10.12
N LEU E 154 5.67 15.90 11.24
CA LEU E 154 5.21 15.47 12.56
C LEU E 154 3.86 16.06 12.96
N ILE E 155 3.68 17.36 12.80
CA ILE E 155 2.45 18.01 13.21
C ILE E 155 1.29 17.74 12.25
N ASN E 156 1.60 17.41 11.00
CA ASN E 156 0.56 17.24 9.96
C ASN E 156 0.17 15.81 9.69
N ALA E 157 0.92 14.87 10.23
CA ALA E 157 0.66 13.45 10.03
C ALA E 157 -0.73 13.13 10.51
N LYS E 158 -1.46 12.40 9.68
CA LYS E 158 -2.80 11.94 10.02
C LYS E 158 -2.84 10.41 9.89
N ASN E 159 -1.74 9.74 10.23
CA ASN E 159 -1.68 8.27 10.23
C ASN E 159 -2.54 7.62 11.32
N ALA E 160 -2.96 6.40 11.05
CA ALA E 160 -3.74 5.59 11.98
C ALA E 160 -2.89 5.12 13.16
N ILE E 161 -3.46 5.28 14.35
CA ILE E 161 -2.78 4.90 15.60
C ILE E 161 -3.57 3.78 16.21
N PRO E 162 -2.92 2.90 16.97
CA PRO E 162 -3.71 1.91 17.68
C PRO E 162 -4.80 2.50 18.60
N ASP E 163 -5.88 1.75 18.74
CA ASP E 163 -7.05 2.18 19.53
C ASP E 163 -6.74 2.17 21.04
N ASN E 164 -5.84 1.29 21.49
CA ASN E 164 -5.59 1.12 22.93
C ASN E 164 -4.86 2.28 23.68
N LEU E 165 -4.24 3.22 22.95
CA LEU E 165 -3.23 4.10 23.55
C LEU E 165 -3.67 5.07 24.69
N VAL E 166 -2.94 5.02 25.81
CA VAL E 166 -3.10 6.03 26.87
C VAL E 166 -1.73 6.48 27.38
N LEU E 167 -1.60 7.77 27.68
CA LEU E 167 -0.38 8.32 28.25
C LEU E 167 -0.68 8.92 29.61
N ASN E 168 0.32 8.96 30.47
CA ASN E 168 0.15 9.62 31.73
C ASN E 168 0.54 11.06 31.63
N LEU E 169 -0.10 11.87 32.46
CA LEU E 169 0.30 13.24 32.66
C LEU E 169 0.79 13.34 34.08
N TYR E 170 1.94 13.96 34.29
CA TYR E 170 2.48 14.20 35.62
C TYR E 170 2.23 15.66 36.01
N LEU E 171 1.56 15.83 37.14
CA LEU E 171 1.13 17.13 37.65
C LEU E 171 1.97 17.52 38.86
N PRO E 172 2.60 18.70 38.85
CA PRO E 172 3.52 19.04 39.92
C PRO E 172 2.84 19.54 41.20
N ASP E 173 3.45 19.26 42.34
CA ASP E 173 3.01 19.80 43.62
C ASP E 173 2.89 21.33 43.56
N ASP E 174 3.85 21.98 42.92
CA ASP E 174 3.89 23.44 42.80
C ASP E 174 3.63 23.86 41.34
N SER E 175 2.59 24.64 41.11
CA SER E 175 2.17 24.92 39.74
C SER E 175 3.06 25.96 38.99
N TYR E 176 4.07 26.48 39.66
CA TYR E 176 5.16 27.20 38.98
C TYR E 176 5.81 26.32 37.88
N TYR E 177 5.84 25.01 38.08
CA TYR E 177 6.44 24.09 37.13
C TYR E 177 5.48 23.54 36.09
N GLN E 178 6.03 23.14 34.95
CA GLN E 178 5.28 22.57 33.87
C GLN E 178 4.65 21.27 34.30
N ASN E 179 3.50 20.98 33.72
CA ASN E 179 3.01 19.62 33.64
C ASN E 179 3.83 18.85 32.61
N LEU E 180 3.99 17.55 32.82
CA LEU E 180 4.85 16.73 31.99
C LEU E 180 4.06 15.62 31.39
N LEU E 181 4.30 15.33 30.12
CA LEU E 181 3.56 14.33 29.39
C LEU E 181 4.42 13.14 29.15
N GLY E 182 3.95 11.97 29.56
CA GLY E 182 4.77 10.74 29.49
C GLY E 182 4.96 10.27 28.08
N THR E 183 5.88 9.32 27.86
CA THR E 183 5.99 8.68 26.54
C THR E 183 5.77 7.17 26.54
N LYS E 184 5.75 6.53 27.71
CA LYS E 184 5.45 5.09 27.82
C LYS E 184 3.92 5.00 27.75
N PHE E 185 3.41 4.30 26.73
CA PHE E 185 1.99 3.98 26.64
C PHE E 185 1.70 2.89 27.64
N VAL E 186 0.59 2.98 28.38
CA VAL E 186 0.34 2.02 29.48
C VAL E 186 -0.19 0.64 29.04
N THR F 12 35.33 9.09 37.34
CA THR F 12 33.84 8.87 37.41
C THR F 12 33.49 7.44 37.77
N LYS F 13 32.79 7.28 38.89
CA LYS F 13 32.34 5.99 39.34
C LYS F 13 30.92 5.75 38.83
N TYR F 14 30.54 4.48 38.67
CA TYR F 14 29.22 4.10 38.19
C TYR F 14 28.61 3.19 39.21
N LYS F 15 27.29 3.19 39.34
CA LYS F 15 26.65 2.19 40.17
C LYS F 15 25.88 1.26 39.28
N GLY F 16 25.94 -0.01 39.58
CA GLY F 16 25.20 -1.04 38.85
C GLY F 16 24.08 -1.53 39.74
N TYR F 17 22.90 -1.77 39.18
CA TYR F 17 21.80 -2.26 39.96
C TYR F 17 20.73 -3.00 39.16
N THR F 18 19.89 -3.77 39.81
CA THR F 18 18.82 -4.44 39.12
C THR F 18 17.48 -3.78 39.41
N LEU F 19 16.54 -3.95 38.49
CA LEU F 19 15.15 -3.62 38.76
C LEU F 19 14.33 -4.89 38.69
N LEU F 20 14.15 -5.52 39.85
CA LEU F 20 13.56 -6.86 39.98
C LEU F 20 12.09 -6.95 39.64
N ASP F 21 11.39 -5.84 39.68
CA ASP F 21 9.94 -5.82 39.48
C ASP F 21 9.58 -5.17 38.17
N LYS F 22 10.56 -4.90 37.33
CA LYS F 22 10.28 -4.14 36.13
C LYS F 22 9.42 -4.89 35.11
N TYR F 23 9.71 -6.14 34.89
CA TYR F 23 8.97 -6.89 33.90
C TYR F 23 7.89 -7.75 34.60
N PRO F 24 6.79 -8.03 33.91
CA PRO F 24 5.82 -8.93 34.50
C PRO F 24 6.33 -10.37 34.67
N LYS F 25 5.73 -11.06 35.66
CA LYS F 25 5.91 -12.49 35.94
C LYS F 25 6.04 -13.35 34.67
N GLU F 26 5.20 -13.07 33.67
CA GLU F 26 5.12 -13.91 32.45
C GLU F 26 6.40 -13.83 31.62
N ASP F 27 7.20 -12.79 31.80
CA ASP F 27 8.46 -12.67 31.09
C ASP F 27 9.52 -13.55 31.69
N ASP F 28 9.31 -13.97 32.94
CA ASP F 28 10.29 -14.78 33.65
C ASP F 28 11.68 -14.12 33.67
N PHE F 29 11.72 -12.85 34.06
CA PHE F 29 12.95 -12.08 33.93
C PHE F 29 13.04 -10.94 34.93
N ARG F 30 13.64 -11.24 36.07
CA ARG F 30 13.87 -10.25 37.13
C ARG F 30 15.15 -9.48 37.00
N ASP F 31 16.20 -10.14 36.47
CA ASP F 31 17.52 -9.54 36.46
C ASP F 31 17.77 -8.60 35.27
N ALA F 32 17.04 -7.48 35.31
CA ALA F 32 17.22 -6.40 34.39
C ALA F 32 18.24 -5.47 35.04
N ILE F 33 19.42 -5.39 34.45
CA ILE F 33 20.51 -4.64 35.04
C ILE F 33 20.73 -3.31 34.38
N TYR F 34 21.07 -2.30 35.18
CA TYR F 34 21.33 -0.96 34.70
C TYR F 34 22.60 -0.45 35.32
N ILE F 35 23.21 0.50 34.63
CA ILE F 35 24.39 1.23 35.11
C ILE F 35 24.06 2.73 35.11
N GLU F 36 24.58 3.47 36.08
CA GLU F 36 24.23 4.87 36.23
C GLU F 36 25.46 5.52 36.83
N ASP F 37 25.86 6.65 36.26
CA ASP F 37 27.01 7.37 36.79
C ASP F 37 26.70 8.07 38.11
N MET F 38 27.70 8.19 38.96
CA MET F 38 27.57 8.71 40.33
C MET F 38 27.64 10.21 40.37
N ASP F 39 27.99 10.85 39.27
CA ASP F 39 27.99 12.31 39.22
C ASP F 39 26.56 12.46 38.78
N ASN F 40 26.16 13.41 37.99
CA ASN F 40 24.77 13.25 37.49
C ASN F 40 24.73 13.60 36.06
N ASN F 41 25.69 13.06 35.32
CA ASN F 41 25.94 13.56 33.94
C ASN F 41 24.92 13.01 32.96
N ASP F 42 24.45 11.81 33.21
CA ASP F 42 23.20 11.50 32.55
C ASP F 42 22.48 10.30 33.17
N THR F 43 21.66 9.65 32.35
CA THR F 43 20.68 8.71 32.80
C THR F 43 21.20 7.27 32.79
N SER F 44 20.41 6.35 33.33
CA SER F 44 20.78 4.92 33.36
C SER F 44 20.76 4.28 31.98
N SER F 45 21.57 3.25 31.82
CA SER F 45 21.61 2.48 30.61
C SER F 45 21.42 1.02 30.94
N VAL F 46 20.75 0.35 30.03
CA VAL F 46 20.70 -1.08 30.02
C VAL F 46 22.10 -1.63 29.90
N VAL F 47 22.43 -2.63 30.74
CA VAL F 47 23.65 -3.39 30.60
C VAL F 47 23.36 -4.86 30.82
N TYR F 48 24.31 -5.67 30.43
CA TYR F 48 24.16 -7.08 30.56
C TYR F 48 25.30 -7.65 31.38
N CYS F 49 25.01 -8.75 32.05
CA CYS F 49 25.97 -9.45 32.83
C CYS F 49 26.91 -10.19 31.88
N PHE F 50 28.19 -10.02 32.13
CA PHE F 50 29.22 -10.61 31.32
C PHE F 50 29.72 -11.94 31.92
N ASN F 51 29.35 -12.24 33.16
CA ASN F 51 29.85 -13.42 33.90
C ASN F 51 28.72 -14.18 34.63
N VAL F 52 28.21 -15.24 34.00
CA VAL F 52 27.10 -16.01 34.56
C VAL F 52 27.41 -16.62 35.93
N THR F 53 28.68 -16.91 36.22
CA THR F 53 29.04 -17.50 37.55
C THR F 53 29.24 -16.49 38.68
N LYS F 54 29.14 -15.20 38.41
CA LYS F 54 29.36 -14.17 39.43
C LYS F 54 28.02 -13.53 39.85
N ALA F 55 28.02 -12.78 40.93
CA ALA F 55 26.78 -12.22 41.49
C ALA F 55 26.28 -10.96 40.75
N THR F 56 24.98 -10.86 40.54
CA THR F 56 24.44 -9.67 39.93
C THR F 56 24.53 -8.56 40.96
N PRO F 57 24.57 -7.32 40.55
CA PRO F 57 24.46 -6.24 41.47
C PRO F 57 23.15 -6.23 42.20
N THR F 58 23.11 -5.53 43.33
CA THR F 58 21.92 -5.46 44.16
C THR F 58 20.79 -4.70 43.50
N PHE F 59 19.58 -4.77 44.07
CA PHE F 59 18.45 -4.02 43.55
C PHE F 59 18.65 -2.51 43.81
N LYS F 60 17.96 -1.72 43.01
CA LYS F 60 18.11 -0.27 43.03
C LYS F 60 17.88 0.35 44.41
N GLY F 61 16.84 -0.04 45.11
CA GLY F 61 16.68 0.45 46.49
C GLY F 61 17.59 -0.08 47.62
N SER F 62 18.49 -1.01 47.30
CA SER F 62 19.26 -1.75 48.30
C SER F 62 20.12 -0.83 49.13
N VAL F 63 20.38 -1.21 50.37
CA VAL F 63 21.34 -0.50 51.21
C VAL F 63 22.78 -0.70 50.76
N VAL F 64 23.05 -1.80 50.06
CA VAL F 64 24.37 -2.03 49.48
C VAL F 64 24.37 -1.45 48.06
N LYS F 65 25.29 -0.51 47.76
CA LYS F 65 25.41 0.07 46.41
C LYS F 65 26.64 -0.58 45.80
N VAL F 66 26.51 -1.27 44.69
CA VAL F 66 27.68 -1.86 44.05
C VAL F 66 28.31 -0.92 43.04
N LEU F 67 29.59 -0.58 43.25
CA LEU F 67 30.29 0.40 42.41
C LEU F 67 31.23 -0.18 41.30
N TYR F 68 31.33 0.55 40.21
CA TYR F 68 31.98 0.07 38.98
C TYR F 68 32.85 1.16 38.38
N ASN F 69 33.91 0.74 37.68
CA ASN F 69 34.70 1.62 36.83
C ASN F 69 34.49 1.31 35.39
N GLU F 70 34.50 2.33 34.55
CA GLU F 70 34.23 2.19 33.12
C GLU F 70 35.53 2.03 32.36
N GLN F 71 35.53 1.19 31.33
CA GLN F 71 36.69 0.98 30.48
C GLN F 71 36.25 0.67 29.08
N PHE F 72 36.99 1.19 28.10
CA PHE F 72 36.75 0.84 26.70
C PHE F 72 37.02 -0.63 26.54
N GLY F 73 36.02 -1.32 26.00
CA GLY F 73 36.14 -2.72 25.72
C GLY F 73 37.00 -2.91 24.49
N SER F 74 38.10 -3.64 24.65
CA SER F 74 38.92 -4.11 23.56
C SER F 74 38.90 -5.66 23.51
N SER F 75 39.53 -6.23 22.48
CA SER F 75 39.71 -7.69 22.41
C SER F 75 40.47 -8.22 23.63
N LYS F 76 41.59 -7.60 23.94
CA LYS F 76 42.40 -7.96 25.11
C LYS F 76 41.47 -8.03 26.32
N LEU F 77 40.71 -6.97 26.54
CA LEU F 77 39.93 -6.86 27.75
C LEU F 77 38.73 -7.82 27.80
N PHE F 78 37.92 -7.93 26.74
CA PHE F 78 36.82 -8.92 26.76
C PHE F 78 37.31 -10.31 27.05
N THR F 79 38.45 -10.68 26.48
CA THR F 79 39.04 -12.00 26.68
C THR F 79 39.51 -12.21 28.14
N GLU F 80 40.14 -11.18 28.71
CA GLU F 80 40.64 -11.27 30.08
C GLU F 80 39.46 -11.46 31.06
N LYS F 81 38.33 -10.83 30.79
CA LYS F 81 37.21 -10.84 31.73
C LYS F 81 36.18 -11.92 31.54
N ALA F 82 36.14 -12.53 30.35
CA ALA F 82 35.28 -13.70 30.15
C ALA F 82 35.90 -14.90 30.84
N ILE F 83 35.05 -15.76 31.39
CA ILE F 83 35.54 -16.82 32.28
C ILE F 83 35.66 -18.17 31.57
N LYS F 84 34.69 -18.54 30.73
CA LYS F 84 34.81 -19.74 29.84
C LYS F 84 34.37 -19.34 28.42
N PRO F 85 35.10 -18.39 27.82
CA PRO F 85 34.73 -17.85 26.51
C PRO F 85 34.77 -18.93 25.42
N ARG F 86 33.73 -18.95 24.60
CA ARG F 86 33.59 -19.95 23.55
C ARG F 86 34.62 -19.72 22.45
N VAL F 87 34.97 -18.48 22.21
CA VAL F 87 36.01 -18.09 21.24
C VAL F 87 36.82 -16.95 21.85
N LYS F 88 37.99 -16.65 21.32
CA LYS F 88 38.86 -15.62 21.91
C LYS F 88 39.18 -14.45 20.95
N GLY F 89 39.81 -13.41 21.46
CA GLY F 89 40.27 -12.27 20.66
C GLY F 89 39.19 -11.54 19.88
N ASP F 90 39.51 -11.18 18.64
CA ASP F 90 38.59 -10.46 17.77
C ASP F 90 37.31 -11.21 17.50
N GLU F 91 37.37 -12.53 17.34
CA GLU F 91 36.16 -13.31 17.06
C GLU F 91 35.16 -13.13 18.24
N LEU F 92 35.69 -13.03 19.47
CA LEU F 92 34.83 -12.76 20.64
C LEU F 92 34.27 -11.33 20.63
N LYS F 93 35.14 -10.32 20.49
CA LYS F 93 34.68 -8.94 20.41
C LYS F 93 33.59 -8.81 19.37
N ASN F 94 33.79 -9.39 18.18
CA ASN F 94 32.80 -9.30 17.13
C ASN F 94 31.50 -10.01 17.44
N SER F 95 31.58 -11.22 17.97
CA SER F 95 30.36 -11.95 18.32
C SER F 95 29.49 -11.15 19.31
N VAL F 96 30.13 -10.56 20.32
CA VAL F 96 29.45 -9.85 21.35
C VAL F 96 28.93 -8.50 20.87
N LEU F 97 29.74 -7.75 20.14
CA LEU F 97 29.23 -6.53 19.53
C LEU F 97 27.99 -6.84 18.67
N ARG F 98 28.01 -7.97 17.96
CA ARG F 98 26.92 -8.28 17.07
C ARG F 98 25.68 -8.65 17.87
N VAL F 99 25.85 -9.38 18.96
CA VAL F 99 24.70 -9.68 19.84
C VAL F 99 24.04 -8.40 20.38
N ILE F 100 24.85 -7.44 20.82
CA ILE F 100 24.25 -6.22 21.31
C ILE F 100 23.55 -5.46 20.18
N TYR F 101 24.12 -5.50 18.98
CA TYR F 101 23.58 -4.75 17.83
C TYR F 101 22.24 -5.35 17.39
N ASN F 102 22.15 -6.67 17.44
CA ASN F 102 20.94 -7.39 17.04
C ASN F 102 19.94 -7.57 18.17
N GLY F 103 20.40 -7.37 19.39
CA GLY F 103 19.60 -7.66 20.56
C GLY F 103 18.97 -6.43 21.14
N TYR F 104 18.50 -6.54 22.37
CA TYR F 104 17.71 -5.47 22.97
C TYR F 104 18.67 -4.42 23.55
N PRO F 105 18.46 -3.13 23.30
CA PRO F 105 17.30 -2.56 22.59
C PRO F 105 17.53 -2.22 21.11
N SER F 106 18.78 -2.33 20.65
CA SER F 106 19.15 -2.00 19.29
C SER F 106 18.25 -2.65 18.19
N ASN F 107 18.08 -3.97 18.26
CA ASN F 107 17.17 -4.69 17.36
C ASN F 107 17.44 -4.58 15.85
N ALA F 108 18.70 -4.59 15.43
CA ALA F 108 19.03 -4.37 14.02
C ALA F 108 18.33 -5.30 13.03
N LEU F 109 18.06 -6.55 13.41
CA LEU F 109 17.43 -7.53 12.49
C LEU F 109 15.92 -7.67 12.60
N GLY F 110 15.28 -6.94 13.51
CA GLY F 110 13.81 -7.03 13.71
C GLY F 110 13.38 -8.35 14.32
N ILE F 111 14.28 -8.98 15.06
CA ILE F 111 13.98 -10.25 15.66
C ILE F 111 12.80 -10.14 16.61
N LYS F 112 12.73 -9.05 17.36
CA LYS F 112 11.65 -8.88 18.32
C LYS F 112 10.28 -9.01 17.64
N GLU F 113 10.08 -8.28 16.54
CA GLU F 113 8.79 -8.29 15.81
C GLU F 113 8.57 -9.61 15.04
N LYS F 114 9.64 -10.20 14.51
CA LYS F 114 9.56 -11.50 13.83
C LYS F 114 8.99 -12.63 14.74
N TYR F 115 9.39 -12.70 16.00
CA TYR F 115 8.86 -13.74 16.90
C TYR F 115 7.86 -13.21 17.91
N GLN F 116 7.38 -11.98 17.74
CA GLN F 116 6.37 -11.37 18.63
C GLN F 116 6.75 -11.44 20.11
N LEU F 117 7.96 -11.03 20.42
CA LEU F 117 8.47 -11.04 21.77
C LEU F 117 8.06 -9.77 22.48
N THR F 118 7.87 -9.88 23.79
CA THR F 118 7.73 -8.71 24.63
C THR F 118 9.13 -8.13 24.84
N GLU F 119 9.19 -6.90 25.29
CA GLU F 119 10.46 -6.27 25.61
C GLU F 119 11.25 -7.17 26.56
N GLY F 120 10.59 -7.62 27.63
CA GLY F 120 11.27 -8.42 28.65
C GLY F 120 11.77 -9.77 28.18
N GLN F 121 11.02 -10.45 27.35
CA GLN F 121 11.56 -11.66 26.74
C GLN F 121 12.79 -11.38 25.86
N PHE F 122 12.73 -10.32 25.06
CA PHE F 122 13.80 -10.03 24.15
C PHE F 122 15.07 -9.71 24.91
N ARG F 123 14.91 -9.01 26.03
CA ARG F 123 16.07 -8.65 26.84
C ARG F 123 16.65 -9.88 27.53
N LYS F 124 15.79 -10.76 28.01
CA LYS F 124 16.22 -12.04 28.59
C LYS F 124 17.03 -12.88 27.59
N LEU F 125 16.56 -12.94 26.36
CA LEU F 125 17.28 -13.69 25.32
C LEU F 125 18.63 -13.08 24.98
N THR F 126 18.66 -11.76 24.91
CA THR F 126 19.90 -11.08 24.65
C THR F 126 20.90 -11.41 25.75
N GLN F 127 20.45 -11.40 26.99
CA GLN F 127 21.35 -11.74 28.09
C GLN F 127 21.86 -13.15 27.88
N ARG F 128 21.01 -14.06 27.43
CA ARG F 128 21.44 -15.46 27.28
C ARG F 128 22.37 -15.66 26.10
N ALA F 129 22.23 -14.83 25.08
CA ALA F 129 23.13 -14.89 23.94
C ALA F 129 24.52 -14.41 24.31
N VAL F 130 24.60 -13.39 25.16
CA VAL F 130 25.88 -12.91 25.63
C VAL F 130 26.60 -14.06 26.32
N TRP F 131 25.87 -14.77 27.17
CA TRP F 131 26.45 -15.86 28.00
C TRP F 131 26.87 -17.03 27.15
N ASN F 132 26.18 -17.21 26.03
CA ASN F 132 26.60 -18.21 25.08
C ASN F 132 28.07 -18.01 24.63
N PHE F 133 28.53 -16.77 24.55
CA PHE F 133 29.90 -16.47 24.10
C PHE F 133 30.90 -16.30 25.25
N THR F 134 30.45 -15.73 26.35
CA THR F 134 31.36 -15.39 27.44
C THR F 134 31.58 -16.53 28.40
N ASP F 135 30.61 -17.45 28.46
CA ASP F 135 30.70 -18.57 29.38
C ASP F 135 30.38 -19.91 28.72
N SER F 136 30.29 -19.93 27.39
CA SER F 136 29.95 -21.17 26.68
C SER F 136 28.74 -21.84 27.32
N ASN F 137 27.73 -21.06 27.58
CA ASN F 137 26.59 -21.55 28.33
C ASN F 137 25.33 -21.05 27.63
N LEU F 138 24.64 -21.97 26.97
CA LEU F 138 23.40 -21.65 26.29
C LEU F 138 22.26 -22.34 27.02
N SER F 139 21.51 -21.58 27.79
CA SER F 139 20.43 -22.12 28.60
C SER F 139 19.11 -21.98 27.87
N LEU F 140 18.49 -23.11 27.55
CA LEU F 140 17.15 -23.12 26.97
C LEU F 140 16.06 -23.26 28.03
N ASP F 141 16.44 -23.14 29.29
CA ASP F 141 15.53 -23.38 30.38
C ASP F 141 14.36 -22.42 30.41
N LYS F 142 13.15 -22.98 30.49
CA LYS F 142 11.89 -22.25 30.65
C LYS F 142 11.51 -21.41 29.43
N LEU F 143 12.05 -21.73 28.26
CA LEU F 143 11.73 -20.99 27.05
C LEU F 143 10.68 -21.71 26.24
N SER F 144 9.76 -20.96 25.67
CA SER F 144 8.82 -21.49 24.70
C SER F 144 9.54 -21.66 23.35
N GLN F 145 8.91 -22.35 22.40
CA GLN F 145 9.56 -22.60 21.13
C GLN F 145 9.93 -21.31 20.40
N LYS F 146 9.02 -20.33 20.40
CA LYS F 146 9.28 -19.06 19.70
C LYS F 146 10.49 -18.38 20.36
N GLU F 147 10.59 -18.43 21.68
CA GLU F 147 11.77 -17.87 22.37
C GLU F 147 13.03 -18.63 21.97
N ILE F 148 12.96 -19.97 21.89
CA ILE F 148 14.13 -20.74 21.46
C ILE F 148 14.58 -20.39 20.04
N ASP F 149 13.62 -20.18 19.15
CA ASP F 149 13.94 -19.84 17.77
C ASP F 149 14.59 -18.48 17.66
N ALA F 150 14.08 -17.52 18.41
CA ALA F 150 14.67 -16.17 18.42
C ALA F 150 16.09 -16.19 18.95
N LEU F 151 16.30 -16.98 19.98
CA LEU F 151 17.60 -17.07 20.60
C LEU F 151 18.60 -17.72 19.65
N ASN F 152 18.14 -18.69 18.85
CA ASN F 152 19.02 -19.30 17.89
C ASN F 152 19.33 -18.34 16.77
N GLU F 153 18.35 -17.56 16.32
CA GLU F 153 18.63 -16.56 15.30
C GLU F 153 19.66 -15.54 15.80
N LEU F 154 19.61 -15.23 17.09
CA LEU F 154 20.50 -14.24 17.67
C LEU F 154 21.96 -14.70 17.72
N ILE F 155 22.18 -15.93 18.18
CA ILE F 155 23.55 -16.40 18.35
C ILE F 155 24.17 -16.83 17.03
N ASN F 156 23.34 -17.14 16.03
CA ASN F 156 23.83 -17.65 14.73
C ASN F 156 23.91 -16.60 13.64
N ALA F 157 23.36 -15.43 13.89
CA ALA F 157 23.41 -14.33 12.93
C ALA F 157 24.85 -14.00 12.57
N LYS F 158 25.12 -13.90 11.27
CA LYS F 158 26.42 -13.47 10.77
C LYS F 158 26.23 -12.22 9.89
N ASN F 159 25.30 -11.34 10.24
CA ASN F 159 25.09 -10.06 9.52
C ASN F 159 26.24 -9.08 9.69
N ALA F 160 26.39 -8.22 8.69
CA ALA F 160 27.38 -7.15 8.69
C ALA F 160 27.02 -6.06 9.73
N ILE F 161 28.03 -5.64 10.48
CA ILE F 161 27.88 -4.60 11.50
C ILE F 161 28.75 -3.43 11.09
N PRO F 162 28.37 -2.21 11.52
CA PRO F 162 29.25 -1.10 11.23
C PRO F 162 30.67 -1.28 11.78
N ASP F 163 31.64 -0.69 11.08
CA ASP F 163 33.06 -0.78 11.44
C ASP F 163 33.38 -0.01 12.75
N ASN F 164 32.67 1.09 13.00
CA ASN F 164 33.01 2.00 14.09
C ASN F 164 32.74 1.49 15.53
N LEU F 165 31.99 0.40 15.70
CA LEU F 165 31.40 0.06 17.01
C LEU F 165 32.35 -0.24 18.19
N VAL F 166 32.13 0.45 19.33
CA VAL F 166 32.82 0.10 20.58
C VAL F 166 31.82 0.16 21.75
N LEU F 167 31.96 -0.76 22.71
CA LEU F 167 31.15 -0.78 23.89
C LEU F 167 32.03 -0.62 25.11
N ASN F 168 31.45 -0.11 26.20
CA ASN F 168 32.18 -0.07 27.47
C ASN F 168 31.96 -1.32 28.26
N LEU F 169 32.96 -1.66 29.06
CA LEU F 169 32.85 -2.72 30.04
C LEU F 169 33.00 -2.08 31.40
N TYR F 170 32.09 -2.40 32.31
CA TYR F 170 32.14 -1.85 33.66
C TYR F 170 32.66 -2.91 34.63
N LEU F 171 33.72 -2.54 35.36
CA LEU F 171 34.46 -3.46 36.22
C LEU F 171 34.26 -3.09 37.66
N PRO F 172 33.89 -4.06 38.51
CA PRO F 172 33.48 -3.71 39.85
C PRO F 172 34.63 -3.56 40.80
N ASP F 173 34.49 -2.70 41.80
CA ASP F 173 35.46 -2.59 42.90
C ASP F 173 35.69 -3.94 43.59
N ASP F 174 34.63 -4.72 43.79
CA ASP F 174 34.70 -6.04 44.42
C ASP F 174 34.40 -7.15 43.40
N SER F 175 35.33 -8.08 43.21
CA SER F 175 35.22 -9.05 42.11
C SER F 175 34.23 -10.21 42.39
N TYR F 176 33.60 -10.21 43.55
CA TYR F 176 32.43 -11.04 43.80
C TYR F 176 31.31 -10.76 42.78
N TYR F 177 31.23 -9.52 42.29
CA TYR F 177 30.17 -9.10 41.34
C TYR F 177 30.60 -9.21 39.88
N GLN F 178 29.60 -9.35 39.02
CA GLN F 178 29.80 -9.54 37.61
C GLN F 178 30.41 -8.29 37.04
N ASN F 179 31.18 -8.47 36.00
CA ASN F 179 31.45 -7.42 35.08
C ASN F 179 30.20 -7.16 34.25
N LEU F 180 30.00 -5.91 33.81
CA LEU F 180 28.80 -5.55 33.11
C LEU F 180 29.18 -5.03 31.76
N LEU F 181 28.40 -5.37 30.73
CA LEU F 181 28.65 -4.94 29.34
C LEU F 181 27.64 -3.91 28.92
N GLY F 182 28.12 -2.76 28.47
CA GLY F 182 27.23 -1.66 28.11
C GLY F 182 26.43 -1.95 26.83
N THR F 183 25.41 -1.14 26.53
CA THR F 183 24.69 -1.25 25.27
C THR F 183 24.70 0.02 24.43
N LYS F 184 25.13 1.16 24.99
CA LYS F 184 25.32 2.40 24.25
C LYS F 184 26.66 2.24 23.52
N PHE F 185 26.63 2.25 22.21
CA PHE F 185 27.85 2.34 21.42
C PHE F 185 28.40 3.75 21.52
N VAL F 186 29.71 3.87 21.65
CA VAL F 186 30.35 5.16 21.79
C VAL F 186 30.59 5.75 20.40
#